data_5OCE
#
_entry.id   5OCE
#
_cell.length_a   70.690
_cell.length_b   83.860
_cell.length_c   98.430
_cell.angle_alpha   90.00
_cell.angle_beta   110.98
_cell.angle_gamma   90.00
#
_symmetry.space_group_name_H-M   'P 1 21 1'
#
loop_
_entity.id
_entity.type
_entity.pdbx_description
1 polymer 'Phosphatidylinositol mannoside acyltransferase'
2 non-polymer 'PALMITIC ACID'
3 non-polymer beta-D-mannopyranose
4 non-polymer '[(2~{R},3~{S},4~{S},5~{S},6~{S})-3,4,5,6-tetrakis(oxidanyl)oxan-2-yl]methyl hexadecanoate'
5 water water
#
_entity_poly.entity_id   1
_entity_poly.type   'polypeptide(L)'
_entity_poly.pdbx_seq_one_letter_code
;MTLSGRIPLGGQVTDLGYAAGWRLVRAMPEAMAQGVFGAGARYAARNGGPEQLRRNLARVVGKPPADVPDDLIRASLASY
ARYWREAFRLPAMDHGRLGEQLDVIDIDHLWSALDAGRGAVLALPHSGNWDMAGVWLVQNYGPFTTVAERLKPESLYRRF
VEYRESLGFEVLPLTGGERPPFEVLAERLTDNRPICLMAERDLTRSGVQVDFFGEATRMPAGPAKLAIETGAALFPVHCW
FEGDGWGMRVYPELDTSSGDVTAITQALADRFAANIATYPADWHMLQPQWIADLSDERRARLGT
;
_entity_poly.pdbx_strand_id   A,B,C,D
#
# COMPACT_ATOMS: atom_id res chain seq x y z
N GLY A 40 -14.59 -0.05 17.49
CA GLY A 40 -15.72 0.78 17.09
C GLY A 40 -15.53 2.24 17.45
N ALA A 41 -15.72 2.55 18.74
CA ALA A 41 -15.51 3.92 19.21
C ALA A 41 -14.04 4.26 19.27
N ARG A 42 -13.19 3.30 19.60
CA ARG A 42 -11.75 3.56 19.66
C ARG A 42 -11.19 3.87 18.28
N TYR A 43 -11.70 3.22 17.23
CA TYR A 43 -11.26 3.52 15.88
C TYR A 43 -11.81 4.87 15.41
N ALA A 44 -13.12 5.07 15.55
CA ALA A 44 -13.71 6.35 15.15
C ALA A 44 -13.11 7.50 15.92
N ALA A 45 -12.72 7.27 17.17
CA ALA A 45 -12.15 8.33 18.00
C ALA A 45 -10.80 8.82 17.47
N ARG A 46 -10.15 8.05 16.59
CA ARG A 46 -8.87 8.44 16.01
C ARG A 46 -8.97 8.70 14.52
N ASN A 47 -10.14 9.14 14.06
CA ASN A 47 -10.36 9.64 12.71
C ASN A 47 -10.81 11.11 12.82
N GLY A 48 -11.25 11.67 11.71
CA GLY A 48 -11.76 13.02 11.76
C GLY A 48 -12.01 13.69 10.43
N GLY A 49 -11.39 14.85 10.23
CA GLY A 49 -11.58 15.62 9.02
C GLY A 49 -12.52 16.78 9.23
N PRO A 50 -12.81 17.51 8.14
CA PRO A 50 -13.62 18.73 8.28
C PRO A 50 -15.03 18.49 8.80
N GLU A 51 -15.62 17.31 8.56
CA GLU A 51 -16.96 17.03 9.07
C GLU A 51 -16.97 16.92 10.59
N GLN A 52 -16.00 16.18 11.15
CA GLN A 52 -15.93 16.07 12.60
C GLN A 52 -15.49 17.37 13.24
N LEU A 53 -14.69 18.17 12.54
CA LEU A 53 -14.29 19.48 13.05
C LEU A 53 -15.49 20.39 13.23
N ARG A 54 -16.41 20.40 12.27
CA ARG A 54 -17.62 21.19 12.40
C ARG A 54 -18.43 20.80 13.64
N ARG A 55 -18.49 19.49 13.94
CA ARG A 55 -19.26 19.03 15.09
C ARG A 55 -18.63 19.50 16.40
N ASN A 56 -17.31 19.63 16.45
CA ASN A 56 -16.65 20.09 17.66
C ASN A 56 -16.73 21.60 17.80
N LEU A 57 -16.45 22.35 16.73
CA LEU A 57 -16.60 23.79 16.78
C LEU A 57 -18.05 24.19 17.05
N ALA A 58 -19.01 23.32 16.74
CA ALA A 58 -20.40 23.61 17.05
C ALA A 58 -20.59 23.85 18.55
N ARG A 59 -19.91 23.06 19.39
CA ARG A 59 -20.00 23.27 20.83
C ARG A 59 -19.28 24.55 21.24
N VAL A 60 -18.17 24.87 20.58
CA VAL A 60 -17.37 26.03 20.96
C VAL A 60 -18.18 27.31 20.76
N VAL A 61 -18.92 27.41 19.66
CA VAL A 61 -19.72 28.60 19.38
C VAL A 61 -21.15 28.48 19.88
N GLY A 62 -21.61 27.26 20.21
CA GLY A 62 -22.95 27.09 20.74
C GLY A 62 -24.03 27.20 19.68
N LYS A 63 -23.82 26.53 18.55
CA LYS A 63 -24.78 26.54 17.45
C LYS A 63 -24.82 25.15 16.84
N PRO A 64 -25.88 24.82 16.11
CA PRO A 64 -25.93 23.53 15.42
C PRO A 64 -24.83 23.43 14.39
N PRO A 65 -24.44 22.22 14.00
CA PRO A 65 -23.30 22.08 13.07
C PRO A 65 -23.44 22.91 11.80
N ALA A 66 -24.63 22.95 11.20
CA ALA A 66 -24.79 23.68 9.94
C ALA A 66 -24.67 25.18 10.11
N ASP A 67 -24.83 25.70 11.32
CA ASP A 67 -24.75 27.13 11.57
C ASP A 67 -23.35 27.57 12.02
N VAL A 68 -22.40 26.65 12.08
CA VAL A 68 -21.03 27.05 12.39
C VAL A 68 -20.49 27.91 11.25
N PRO A 69 -19.95 29.10 11.52
CA PRO A 69 -19.54 29.98 10.41
C PRO A 69 -18.59 29.29 9.46
N ASP A 70 -18.88 29.40 8.16
CA ASP A 70 -18.01 28.82 7.15
C ASP A 70 -16.60 29.43 7.20
N ASP A 71 -16.51 30.70 7.62
CA ASP A 71 -15.22 31.36 7.74
C ASP A 71 -14.40 30.78 8.89
N LEU A 72 -15.05 30.31 9.95
CA LEU A 72 -14.32 29.72 11.06
C LEU A 72 -13.74 28.36 10.69
N ILE A 73 -14.51 27.55 9.94
CA ILE A 73 -14.00 26.25 9.51
C ILE A 73 -12.77 26.45 8.64
N ARG A 74 -12.82 27.40 7.71
CA ARG A 74 -11.67 27.69 6.86
C ARG A 74 -10.49 28.16 7.70
N ALA A 75 -10.74 29.03 8.67
CA ALA A 75 -9.67 29.47 9.57
C ALA A 75 -9.13 28.32 10.40
N SER A 76 -9.99 27.38 10.77
CA SER A 76 -9.54 26.23 11.56
C SER A 76 -8.69 25.28 10.73
N LEU A 77 -9.13 25.00 9.49
CA LEU A 77 -8.31 24.18 8.59
C LEU A 77 -7.01 24.90 8.25
N ALA A 78 -7.06 26.21 8.05
CA ALA A 78 -5.85 26.97 7.76
C ALA A 78 -4.90 26.96 8.94
N SER A 79 -5.43 27.06 10.16
CA SER A 79 -4.59 26.94 11.34
C SER A 79 -4.02 25.52 11.45
N TYR A 80 -4.85 24.52 11.19
CA TYR A 80 -4.39 23.13 11.22
C TYR A 80 -3.25 22.90 10.24
N ALA A 81 -3.35 23.44 9.03
CA ALA A 81 -2.28 23.29 8.05
C ALA A 81 -1.01 23.97 8.52
N ARG A 82 -1.13 25.12 9.20
CA ARG A 82 0.04 25.88 9.60
C ARG A 82 0.90 25.11 10.61
N TYR A 83 0.26 24.44 11.58
CA TYR A 83 1.02 23.68 12.56
C TYR A 83 1.92 22.65 11.88
N TRP A 84 1.35 21.90 10.92
CA TRP A 84 2.12 20.88 10.24
C TRP A 84 3.20 21.49 9.35
N ARG A 85 2.88 22.61 8.68
CA ARG A 85 3.89 23.31 7.90
C ARG A 85 5.05 23.75 8.78
N GLU A 86 4.76 24.15 10.03
CA GLU A 86 5.80 24.55 10.95
C GLU A 86 6.48 23.34 11.59
N ALA A 87 5.72 22.30 11.92
CA ALA A 87 6.30 21.10 12.49
C ALA A 87 7.35 20.50 11.56
N PHE A 88 7.19 20.67 10.25
CA PHE A 88 8.17 20.16 9.29
C PHE A 88 9.50 20.88 9.45
N ARG A 89 9.48 22.21 9.45
CA ARG A 89 10.70 23.00 9.45
C ARG A 89 11.16 23.43 10.84
N LEU A 90 10.36 23.16 11.87
CA LEU A 90 10.74 23.63 13.21
C LEU A 90 12.08 23.08 13.65
N PRO A 91 12.41 21.80 13.47
CA PRO A 91 13.72 21.30 13.91
C PRO A 91 14.90 21.97 13.21
N ALA A 92 14.68 22.69 12.12
CA ALA A 92 15.75 23.30 11.34
C ALA A 92 15.91 24.80 11.57
N MET A 93 15.05 25.41 12.38
CA MET A 93 15.07 26.85 12.57
C MET A 93 16.05 27.27 13.65
N ASP A 94 16.26 28.58 13.73
CA ASP A 94 17.13 29.19 14.74
C ASP A 94 16.37 29.27 16.05
N HIS A 95 16.58 28.27 16.92
CA HIS A 95 15.87 28.24 18.19
C HIS A 95 16.39 29.33 19.14
N GLY A 96 17.64 29.74 18.98
CA GLY A 96 18.15 30.85 19.77
C GLY A 96 17.41 32.14 19.47
N ARG A 97 17.07 32.37 18.21
CA ARG A 97 16.26 33.53 17.85
C ARG A 97 14.86 33.40 18.44
N LEU A 98 14.26 32.22 18.30
CA LEU A 98 12.88 32.02 18.75
C LEU A 98 12.77 32.27 20.25
N GLY A 99 13.74 31.81 21.03
CA GLY A 99 13.66 31.98 22.48
C GLY A 99 13.78 33.42 22.92
N GLU A 100 14.51 34.25 22.18
CA GLU A 100 14.70 35.65 22.57
C GLU A 100 13.57 36.55 22.12
N GLN A 101 12.90 36.22 21.03
CA GLN A 101 11.93 37.11 20.41
C GLN A 101 10.47 36.76 20.69
N LEU A 102 10.20 35.50 21.04
CA LEU A 102 8.86 35.08 21.42
C LEU A 102 8.62 35.35 22.90
N ASP A 103 7.38 35.68 23.26
CA ASP A 103 7.02 35.99 24.63
C ASP A 103 5.93 35.05 25.12
N VAL A 104 5.83 34.93 26.44
CA VAL A 104 4.85 34.09 27.10
C VAL A 104 4.15 34.92 28.16
N ILE A 105 2.82 35.04 28.04
CA ILE A 105 2.06 35.82 29.01
C ILE A 105 2.18 35.16 30.38
N ASP A 106 2.54 35.95 31.39
CA ASP A 106 2.58 35.48 32.78
C ASP A 106 3.56 34.32 32.95
N ILE A 107 4.68 34.36 32.23
CA ILE A 107 5.67 33.30 32.37
C ILE A 107 6.18 33.23 33.80
N ASP A 108 6.20 34.37 34.51
CA ASP A 108 6.68 34.39 35.88
C ASP A 108 5.89 33.45 36.78
N HIS A 109 4.65 33.12 36.41
CA HIS A 109 3.91 32.08 37.14
C HIS A 109 4.72 30.80 37.22
N LEU A 110 5.36 30.41 36.13
CA LEU A 110 6.14 29.17 36.11
C LEU A 110 7.48 29.35 36.83
N TRP A 111 8.16 30.47 36.61
CA TRP A 111 9.45 30.68 37.24
C TRP A 111 9.32 30.64 38.76
N SER A 112 8.39 31.42 39.31
CA SER A 112 8.25 31.49 40.76
C SER A 112 7.94 30.13 41.36
N ALA A 113 7.22 29.28 40.63
CA ALA A 113 6.92 27.94 41.12
C ALA A 113 8.15 27.05 41.06
N LEU A 114 9.03 27.26 40.07
CA LEU A 114 10.30 26.54 40.03
C LEU A 114 11.30 27.14 41.01
N ASP A 115 11.20 28.44 41.28
CA ASP A 115 11.99 29.05 42.35
C ASP A 115 11.56 28.54 43.72
N ALA A 116 10.32 28.08 43.86
CA ALA A 116 9.83 27.54 45.12
C ALA A 116 10.16 26.08 45.33
N GLY A 117 10.76 25.42 44.33
CA GLY A 117 11.16 24.03 44.51
C GLY A 117 10.02 23.03 44.42
N ARG A 118 8.90 23.41 43.80
CA ARG A 118 7.72 22.56 43.78
C ARG A 118 7.63 21.67 42.55
N GLY A 119 8.32 22.03 41.46
CA GLY A 119 8.02 21.44 40.18
C GLY A 119 6.82 22.13 39.55
N ALA A 120 6.49 21.71 38.32
CA ALA A 120 5.39 22.35 37.62
C ALA A 120 4.83 21.39 36.58
N VAL A 121 3.50 21.33 36.51
CA VAL A 121 2.78 20.59 35.49
C VAL A 121 2.16 21.61 34.54
N LEU A 122 2.56 21.57 33.27
CA LEU A 122 2.00 22.43 32.24
C LEU A 122 1.01 21.61 31.41
N ALA A 123 -0.28 21.89 31.58
CA ALA A 123 -1.34 21.18 30.91
C ALA A 123 -2.02 22.13 29.93
N LEU A 124 -2.03 21.77 28.66
CA LEU A 124 -2.55 22.64 27.61
C LEU A 124 -3.37 21.82 26.63
N PRO A 125 -4.27 22.46 25.88
CA PRO A 125 -5.00 21.76 24.83
C PRO A 125 -4.26 21.83 23.50
N HIS A 126 -4.75 21.03 22.54
CA HIS A 126 -4.16 20.99 21.21
C HIS A 126 -4.46 22.27 20.45
N SER A 127 -3.88 23.39 20.89
CA SER A 127 -4.10 24.68 20.26
C SER A 127 -2.78 25.30 19.84
N GLY A 128 -2.83 26.09 18.76
CA GLY A 128 -1.64 26.77 18.27
C GLY A 128 -0.53 25.78 17.96
N ASN A 129 0.70 26.21 18.25
CA ASN A 129 1.89 25.35 18.06
C ASN A 129 2.52 25.16 19.44
N TRP A 130 2.29 23.99 20.03
CA TRP A 130 2.88 23.68 21.33
C TRP A 130 4.32 23.21 21.21
N ASP A 131 4.71 22.70 20.05
CA ASP A 131 6.11 22.36 19.83
C ASP A 131 6.96 23.62 19.74
N MET A 132 6.39 24.72 19.24
CA MET A 132 7.08 26.00 19.30
C MET A 132 7.16 26.52 20.72
N ALA A 133 6.13 26.26 21.53
CA ALA A 133 6.18 26.65 22.94
C ALA A 133 7.24 25.85 23.68
N GLY A 134 7.36 24.56 23.37
CA GLY A 134 8.43 23.77 23.96
C GLY A 134 9.80 24.30 23.60
N VAL A 135 9.99 24.65 22.32
CA VAL A 135 11.23 25.29 21.90
C VAL A 135 11.54 26.50 22.76
N TRP A 136 10.53 27.33 23.01
CA TRP A 136 10.74 28.50 23.85
C TRP A 136 11.18 28.10 25.25
N LEU A 137 10.59 27.04 25.80
CA LEU A 137 10.94 26.61 27.15
C LEU A 137 12.33 25.97 27.18
N VAL A 138 12.68 25.23 26.14
CA VAL A 138 14.01 24.61 26.08
C VAL A 138 15.10 25.68 26.08
N GLN A 139 14.85 26.80 25.42
CA GLN A 139 15.86 27.84 25.31
C GLN A 139 15.90 28.74 26.54
N ASN A 140 14.74 28.99 27.16
CA ASN A 140 14.68 29.88 28.31
C ASN A 140 14.76 29.14 29.64
N TYR A 141 14.59 27.82 29.65
CA TYR A 141 14.79 27.01 30.85
C TYR A 141 15.67 25.81 30.58
N GLY A 142 15.24 24.94 29.67
CA GLY A 142 15.95 23.72 29.38
C GLY A 142 15.03 22.56 29.07
N PRO A 143 15.61 21.39 28.83
CA PRO A 143 14.80 20.21 28.48
C PRO A 143 13.73 19.91 29.53
N PHE A 144 12.55 19.54 29.04
CA PHE A 144 11.44 19.10 29.86
C PHE A 144 11.00 17.72 29.41
N THR A 145 10.11 17.11 30.18
CA THR A 145 9.68 15.75 29.95
C THR A 145 8.23 15.71 29.48
N THR A 146 7.93 14.74 28.62
CA THR A 146 6.58 14.53 28.12
C THR A 146 6.40 13.06 27.79
N VAL A 147 5.17 12.69 27.46
CA VAL A 147 4.82 11.31 27.13
C VAL A 147 4.37 11.25 25.68
N ALA A 148 4.59 10.09 25.06
CA ALA A 148 4.22 9.87 23.67
C ALA A 148 3.46 8.56 23.54
N GLU A 149 2.27 8.62 22.95
CA GLU A 149 1.54 7.41 22.63
C GLU A 149 2.35 6.57 21.65
N ARG A 150 2.38 5.25 21.90
CA ARG A 150 3.17 4.35 21.07
C ARG A 150 2.34 4.04 19.83
N LEU A 151 2.58 4.81 18.77
CA LEU A 151 1.82 4.69 17.54
C LEU A 151 2.30 3.50 16.70
N LYS A 152 1.44 3.09 15.78
CA LYS A 152 1.81 2.07 14.80
C LYS A 152 1.77 2.70 13.40
N PRO A 153 2.74 2.39 12.54
CA PRO A 153 3.86 1.46 12.76
C PRO A 153 4.88 2.04 13.73
N GLU A 154 5.81 1.20 14.20
CA GLU A 154 6.82 1.70 15.12
C GLU A 154 7.66 2.80 14.47
N SER A 155 7.95 2.65 13.18
CA SER A 155 8.75 3.65 12.47
C SER A 155 8.11 5.03 12.56
N LEU A 156 6.78 5.10 12.51
CA LEU A 156 6.11 6.38 12.68
C LEU A 156 6.35 6.93 14.08
N TYR A 157 6.20 6.07 15.09
CA TYR A 157 6.48 6.46 16.47
C TYR A 157 7.92 6.93 16.61
N ARG A 158 8.87 6.21 16.00
CA ARG A 158 10.27 6.60 16.09
C ARG A 158 10.49 8.00 15.53
N ARG A 159 9.79 8.35 14.45
CA ARG A 159 9.95 9.66 13.84
CA ARG A 159 9.95 9.66 13.84
C ARG A 159 9.48 10.76 14.79
N PHE A 160 8.37 10.53 15.50
CA PHE A 160 7.86 11.56 16.40
C PHE A 160 8.81 11.78 17.56
N VAL A 161 9.41 10.71 18.07
CA VAL A 161 10.41 10.86 19.15
C VAL A 161 11.59 11.69 18.64
N GLU A 162 12.18 11.28 17.52
CA GLU A 162 13.28 12.03 16.93
C GLU A 162 12.92 13.50 16.77
N TYR A 163 11.74 13.76 16.18
CA TYR A 163 11.32 15.14 15.95
C TYR A 163 11.35 15.94 17.24
N ARG A 164 10.68 15.45 18.29
CA ARG A 164 10.57 16.21 19.52
C ARG A 164 11.87 16.19 20.31
N GLU A 165 12.64 15.11 20.21
CA GLU A 165 13.96 15.10 20.85
C GLU A 165 14.91 16.06 20.14
N SER A 166 14.78 16.19 18.82
CA SER A 166 15.59 17.17 18.10
C SER A 166 15.21 18.60 18.47
N LEU A 167 14.07 18.80 19.14
CA LEU A 167 13.72 20.09 19.69
C LEU A 167 14.19 20.27 21.13
N GLY A 168 14.62 19.19 21.79
CA GLY A 168 15.11 19.25 23.16
C GLY A 168 14.18 18.63 24.18
N PHE A 169 13.07 18.02 23.77
CA PHE A 169 12.14 17.42 24.71
C PHE A 169 12.60 16.01 25.07
N GLU A 170 12.29 15.59 26.30
CA GLU A 170 12.42 14.20 26.69
C GLU A 170 11.08 13.49 26.49
N VAL A 171 11.08 12.44 25.67
CA VAL A 171 9.88 11.71 25.30
C VAL A 171 9.87 10.38 26.03
N LEU A 172 8.84 10.14 26.83
CA LEU A 172 8.67 8.87 27.53
C LEU A 172 7.57 8.06 26.87
N PRO A 173 7.83 6.82 26.48
CA PRO A 173 6.76 5.99 25.87
C PRO A 173 5.64 5.68 26.85
N LEU A 174 4.42 6.06 26.46
CA LEU A 174 3.26 5.79 27.30
C LEU A 174 3.05 4.30 27.52
N THR A 175 3.55 3.45 26.63
CA THR A 175 3.48 2.01 26.81
C THR A 175 4.69 1.37 26.16
N GLY A 176 5.08 0.20 26.66
CA GLY A 176 6.20 -0.54 26.10
C GLY A 176 7.57 -0.02 26.46
N GLY A 177 7.66 0.96 27.36
CA GLY A 177 8.93 1.56 27.72
C GLY A 177 9.67 0.79 28.79
N GLU A 178 10.81 1.36 29.18
CA GLU A 178 11.64 0.76 30.21
C GLU A 178 11.06 1.00 31.61
N ARG A 179 10.48 2.18 31.83
CA ARG A 179 9.98 2.55 33.14
C ARG A 179 8.53 3.01 33.03
N PRO A 180 7.78 2.96 34.13
CA PRO A 180 6.39 3.45 34.11
C PRO A 180 6.34 4.94 33.88
N PRO A 181 5.58 5.41 32.88
CA PRO A 181 5.60 6.86 32.58
C PRO A 181 5.19 7.74 33.75
N PHE A 182 4.08 7.39 34.42
CA PHE A 182 3.58 8.21 35.52
C PHE A 182 4.63 8.40 36.61
N GLU A 183 5.49 7.40 36.82
CA GLU A 183 6.46 7.43 37.91
C GLU A 183 7.74 8.14 37.51
N VAL A 184 8.13 8.11 36.23
CA VAL A 184 9.25 8.92 35.78
C VAL A 184 8.89 10.40 35.86
N LEU A 185 7.67 10.74 35.46
CA LEU A 185 7.22 12.13 35.52
C LEU A 185 7.18 12.62 36.96
N ALA A 186 6.69 11.78 37.87
CA ALA A 186 6.63 12.16 39.28
C ALA A 186 8.02 12.47 39.82
N GLU A 187 9.05 11.76 39.34
CA GLU A 187 10.42 12.03 39.77
C GLU A 187 10.88 13.39 39.27
N ARG A 188 10.49 13.77 38.05
CA ARG A 188 10.85 15.09 37.53
C ARG A 188 10.19 16.18 38.35
N LEU A 189 8.95 15.96 38.80
CA LEU A 189 8.22 17.00 39.52
C LEU A 189 8.79 17.21 40.92
N THR A 190 9.04 16.11 41.64
CA THR A 190 9.69 16.23 42.94
C THR A 190 11.14 16.67 42.82
N ASP A 191 11.74 16.53 41.63
CA ASP A 191 13.06 17.06 41.36
C ASP A 191 13.00 18.51 40.90
N ASN A 192 11.83 19.15 41.03
CA ASN A 192 11.65 20.55 40.66
C ASN A 192 11.96 20.78 39.18
N ARG A 193 11.31 20.00 38.33
CA ARG A 193 11.43 20.12 36.88
C ARG A 193 10.04 20.21 36.28
N PRO A 194 9.92 20.81 35.10
CA PRO A 194 8.62 20.91 34.45
C PRO A 194 8.33 19.74 33.52
N ILE A 195 7.08 19.30 33.52
CA ILE A 195 6.60 18.32 32.55
C ILE A 195 5.47 18.96 31.79
N CYS A 196 5.30 18.56 30.54
CA CYS A 196 4.28 19.12 29.66
C CYS A 196 3.39 18.01 29.11
N LEU A 197 2.08 18.17 29.28
CA LEU A 197 1.10 17.15 28.92
C LEU A 197 -0.04 17.79 28.14
N MET A 198 -0.35 17.24 26.97
CA MET A 198 -1.56 17.62 26.24
C MET A 198 -2.76 17.01 26.95
N ALA A 199 -3.56 17.85 27.59
CA ALA A 199 -4.39 17.41 28.70
C ALA A 199 -5.86 17.81 28.54
N GLU A 200 -6.41 17.78 27.33
CA GLU A 200 -7.83 18.06 27.15
C GLU A 200 -8.58 16.91 26.48
N ARG A 201 -7.93 15.78 26.24
CA ARG A 201 -8.59 14.68 25.54
C ARG A 201 -8.03 13.34 26.00
N ASP A 202 -8.94 12.44 26.40
CA ASP A 202 -8.59 11.06 26.73
C ASP A 202 -9.84 10.20 26.79
N LEU A 203 -10.31 9.72 25.63
CA LEU A 203 -11.57 8.99 25.53
C LEU A 203 -11.40 7.49 25.72
N THR A 204 -10.58 7.06 26.67
CA THR A 204 -10.47 5.66 27.03
C THR A 204 -11.22 5.42 28.33
N ARG A 205 -11.25 4.16 28.77
CA ARG A 205 -11.91 3.83 30.02
C ARG A 205 -11.33 4.59 31.20
N SER A 206 -10.09 5.06 31.09
CA SER A 206 -9.39 5.71 32.20
C SER A 206 -9.43 7.23 32.12
N GLY A 207 -10.26 7.79 31.24
CA GLY A 207 -10.38 9.24 31.17
C GLY A 207 -11.33 9.82 32.21
N VAL A 208 -11.04 11.05 32.61
CA VAL A 208 -11.84 11.77 33.60
C VAL A 208 -12.95 12.54 32.87
N GLN A 209 -14.20 12.17 33.14
CA GLN A 209 -15.32 12.88 32.53
C GLN A 209 -15.51 14.26 33.15
N VAL A 210 -15.73 15.26 32.30
CA VAL A 210 -15.91 16.64 32.73
C VAL A 210 -16.84 17.34 31.75
N ASP A 211 -17.36 18.48 32.17
CA ASP A 211 -18.14 19.35 31.28
C ASP A 211 -17.19 20.18 30.42
N PHE A 212 -17.51 20.28 29.13
CA PHE A 212 -16.67 20.98 28.17
C PHE A 212 -17.61 21.64 27.17
N PHE A 213 -17.82 22.94 27.33
CA PHE A 213 -18.78 23.70 26.52
C PHE A 213 -20.19 23.14 26.70
N GLY A 214 -20.50 22.72 27.93
CA GLY A 214 -21.83 22.26 28.27
C GLY A 214 -22.14 20.81 27.94
N GLU A 215 -21.15 20.05 27.46
CA GLU A 215 -21.37 18.67 27.08
C GLU A 215 -20.25 17.80 27.66
N ALA A 216 -20.52 16.50 27.73
CA ALA A 216 -19.63 15.57 28.40
C ALA A 216 -18.48 15.18 27.49
N THR A 217 -17.25 15.31 28.00
CA THR A 217 -16.05 14.82 27.35
C THR A 217 -15.21 14.09 28.39
N ARG A 218 -14.02 13.65 27.99
CA ARG A 218 -13.11 13.01 28.93
C ARG A 218 -11.70 13.55 28.70
N MET A 219 -11.02 13.85 29.81
CA MET A 219 -9.68 14.41 29.80
C MET A 219 -8.76 13.54 30.64
N PRO A 220 -7.46 13.55 30.36
CA PRO A 220 -6.54 12.67 31.09
C PRO A 220 -6.45 13.05 32.56
N ALA A 221 -6.29 12.03 33.40
CA ALA A 221 -6.11 12.23 34.83
C ALA A 221 -4.67 12.54 35.21
N GLY A 222 -3.72 12.38 34.28
CA GLY A 222 -2.32 12.57 34.57
C GLY A 222 -2.03 13.89 35.25
N PRO A 223 -2.46 15.00 34.64
CA PRO A 223 -2.14 16.32 35.21
C PRO A 223 -2.61 16.49 36.65
N ALA A 224 -3.87 16.14 36.94
CA ALA A 224 -4.39 16.32 38.29
C ALA A 224 -3.72 15.37 39.28
N LYS A 225 -3.54 14.10 38.88
CA LYS A 225 -2.94 13.13 39.79
C LYS A 225 -1.49 13.46 40.12
N LEU A 226 -0.77 14.08 39.18
CA LEU A 226 0.64 14.37 39.42
C LEU A 226 0.81 15.60 40.31
N ALA A 227 -0.10 16.57 40.21
CA ALA A 227 -0.04 17.71 41.12
C ALA A 227 -0.42 17.33 42.53
N ILE A 228 -1.36 16.38 42.68
CA ILE A 228 -1.74 15.89 44.00
C ILE A 228 -0.59 15.10 44.63
N GLU A 229 -0.18 14.02 43.98
CA GLU A 229 0.76 13.08 44.58
C GLU A 229 2.11 13.74 44.88
N THR A 230 2.51 14.73 44.09
CA THR A 230 3.82 15.36 44.24
C THR A 230 3.73 16.80 44.76
N GLY A 231 2.55 17.39 44.80
CA GLY A 231 2.43 18.79 45.18
C GLY A 231 2.89 19.78 44.12
N ALA A 232 3.21 19.32 42.92
CA ALA A 232 3.68 20.22 41.87
C ALA A 232 2.60 21.23 41.51
N ALA A 233 3.03 22.41 41.07
CA ALA A 233 2.10 23.42 40.62
C ALA A 233 1.49 23.04 39.28
N LEU A 234 0.16 23.09 39.19
CA LEU A 234 -0.56 22.72 37.97
C LEU A 234 -0.97 24.00 37.26
N PHE A 235 -0.26 24.33 36.18
CA PHE A 235 -0.52 25.55 35.44
C PHE A 235 -1.30 25.23 34.18
N PRO A 236 -2.47 25.83 33.94
CA PRO A 236 -3.06 25.74 32.61
C PRO A 236 -2.23 26.56 31.62
N VAL A 237 -2.09 26.02 30.41
CA VAL A 237 -1.29 26.65 29.38
C VAL A 237 -2.09 26.67 28.09
N HIS A 238 -1.90 27.73 27.29
CA HIS A 238 -2.57 27.86 26.01
C HIS A 238 -1.60 28.43 24.99
N CYS A 239 -1.63 27.87 23.79
CA CYS A 239 -0.86 28.37 22.66
C CYS A 239 -1.81 28.68 21.51
N TRP A 240 -1.50 29.73 20.77
CA TRP A 240 -2.32 30.14 19.62
C TRP A 240 -1.42 30.83 18.60
N PHE A 241 -2.02 31.20 17.47
CA PHE A 241 -1.31 31.86 16.39
C PHE A 241 -1.67 33.34 16.41
N GLU A 242 -0.68 34.19 16.72
CA GLU A 242 -0.88 35.62 16.82
C GLU A 242 -0.33 36.26 15.55
N GLY A 243 -1.16 36.24 14.51
CA GLY A 243 -0.71 36.74 13.22
C GLY A 243 0.28 35.78 12.59
N ASP A 244 1.42 36.29 12.18
CA ASP A 244 2.54 35.47 11.72
C ASP A 244 3.43 35.02 12.88
N GLY A 245 3.06 35.33 14.12
CA GLY A 245 3.81 34.93 15.28
C GLY A 245 3.10 33.87 16.09
N TRP A 246 3.54 33.71 17.33
CA TRP A 246 3.01 32.68 18.21
C TRP A 246 2.66 33.30 19.55
N GLY A 247 1.42 33.07 20.00
CA GLY A 247 0.98 33.54 21.30
C GLY A 247 0.97 32.40 22.30
N MET A 248 1.48 32.68 23.49
CA MET A 248 1.61 31.68 24.54
C MET A 248 1.33 32.33 25.88
N ARG A 249 0.78 31.55 26.80
CA ARG A 249 0.34 32.10 28.08
C ARG A 249 0.36 31.04 29.17
N VAL A 250 0.81 31.44 30.36
CA VAL A 250 0.68 30.64 31.57
C VAL A 250 -0.41 31.27 32.42
N TYR A 251 -1.32 30.45 32.92
CA TYR A 251 -2.43 30.93 33.72
C TYR A 251 -2.23 30.55 35.18
N PRO A 252 -2.92 31.22 36.10
CA PRO A 252 -2.73 30.91 37.53
C PRO A 252 -2.94 29.44 37.80
N GLU A 253 -2.10 28.89 38.68
CA GLU A 253 -2.17 27.47 38.98
C GLU A 253 -3.47 27.12 39.69
N LEU A 254 -3.96 25.91 39.42
CA LEU A 254 -5.22 25.45 39.98
C LEU A 254 -5.01 24.98 41.42
N ASP A 255 -6.11 25.01 42.18
CA ASP A 255 -6.08 24.57 43.57
C ASP A 255 -6.24 23.05 43.62
N THR A 256 -5.16 22.35 43.98
CA THR A 256 -5.20 20.90 44.14
C THR A 256 -5.36 20.49 45.60
N SER A 257 -5.85 21.41 46.44
CA SER A 257 -6.03 21.10 47.86
C SER A 257 -7.04 19.98 48.06
N SER A 258 -8.12 20.00 47.26
CA SER A 258 -9.20 19.05 47.48
C SER A 258 -8.76 17.60 47.26
N GLY A 259 -7.73 17.39 46.44
CA GLY A 259 -7.36 16.05 46.06
C GLY A 259 -8.40 15.34 45.22
N ASP A 260 -9.41 16.06 44.73
CA ASP A 260 -10.46 15.48 43.91
C ASP A 260 -10.06 15.65 42.45
N VAL A 261 -9.83 14.53 41.77
CA VAL A 261 -9.35 14.58 40.38
C VAL A 261 -10.41 15.23 39.49
N THR A 262 -11.68 14.98 39.76
CA THR A 262 -12.74 15.57 38.93
C THR A 262 -12.81 17.08 39.13
N ALA A 263 -12.80 17.54 40.38
CA ALA A 263 -12.89 18.97 40.64
C ALA A 263 -11.68 19.69 40.06
N ILE A 264 -10.51 19.08 40.12
CA ILE A 264 -9.31 19.71 39.58
C ILE A 264 -9.35 19.71 38.05
N THR A 265 -9.65 18.56 37.47
CA THR A 265 -9.75 18.45 36.01
C THR A 265 -10.89 19.30 35.47
N GLN A 266 -11.97 19.47 36.24
CA GLN A 266 -13.06 20.33 35.79
C GLN A 266 -12.61 21.78 35.70
N ALA A 267 -11.87 22.25 36.70
CA ALA A 267 -11.29 23.59 36.61
C ALA A 267 -10.29 23.65 35.45
N LEU A 268 -9.61 22.54 35.19
CA LEU A 268 -8.74 22.46 34.02
C LEU A 268 -9.56 22.57 32.74
N ALA A 269 -10.70 21.88 32.70
CA ALA A 269 -11.58 21.97 31.54
C ALA A 269 -12.14 23.38 31.38
N ASP A 270 -12.53 24.00 32.49
CA ASP A 270 -13.08 25.35 32.44
C ASP A 270 -12.08 26.34 31.87
N ARG A 271 -10.81 26.22 32.25
CA ARG A 271 -9.80 27.12 31.73
C ARG A 271 -9.53 26.88 30.25
N PHE A 272 -9.45 25.62 29.84
CA PHE A 272 -9.23 25.31 28.43
C PHE A 272 -10.38 25.81 27.57
N ALA A 273 -11.61 25.56 28.02
CA ALA A 273 -12.77 26.03 27.26
C ALA A 273 -12.79 27.55 27.17
N ALA A 274 -12.37 28.23 28.23
CA ALA A 274 -12.31 29.69 28.20
C ALA A 274 -11.28 30.18 27.19
N ASN A 275 -10.16 29.48 27.09
CA ASN A 275 -9.12 29.87 26.15
C ASN A 275 -9.47 29.47 24.72
N ILE A 276 -10.00 28.25 24.53
CA ILE A 276 -10.40 27.81 23.20
C ILE A 276 -11.46 28.74 22.62
N ALA A 277 -12.38 29.22 23.46
CA ALA A 277 -13.41 30.13 22.99
C ALA A 277 -12.84 31.46 22.51
N THR A 278 -11.66 31.86 23.02
CA THR A 278 -11.06 33.11 22.59
C THR A 278 -10.36 32.97 21.25
N TYR A 279 -9.67 31.84 21.03
CA TYR A 279 -9.01 31.52 19.78
C TYR A 279 -9.58 30.21 19.25
N PRO A 280 -10.86 30.22 18.85
CA PRO A 280 -11.50 28.96 18.44
C PRO A 280 -10.89 28.34 17.19
N ALA A 281 -10.36 29.15 16.27
CA ALA A 281 -9.81 28.61 15.04
C ALA A 281 -8.48 27.91 15.25
N ASP A 282 -7.78 28.22 16.35
CA ASP A 282 -6.46 27.67 16.61
C ASP A 282 -6.51 26.36 17.39
N TRP A 283 -7.70 25.78 17.59
CA TRP A 283 -7.85 24.54 18.34
C TRP A 283 -8.01 23.42 17.31
N HIS A 284 -6.93 22.65 17.11
CA HIS A 284 -6.89 21.63 16.07
C HIS A 284 -7.42 20.30 16.64
N MET A 285 -8.74 20.28 16.85
CA MET A 285 -9.44 19.08 17.28
C MET A 285 -10.33 18.63 16.13
N LEU A 286 -9.73 17.88 15.20
CA LEU A 286 -10.47 17.25 14.13
C LEU A 286 -10.90 15.84 14.50
N GLN A 287 -10.45 15.33 15.65
CA GLN A 287 -10.84 14.03 16.16
C GLN A 287 -12.12 14.16 16.97
N PRO A 288 -12.86 13.06 17.14
CA PRO A 288 -14.01 13.11 18.06
C PRO A 288 -13.55 13.50 19.45
N GLN A 289 -14.20 14.51 20.02
CA GLN A 289 -13.84 15.03 21.33
C GLN A 289 -14.84 14.65 22.41
N TRP A 290 -16.13 14.82 22.15
CA TRP A 290 -17.16 14.57 23.14
C TRP A 290 -17.66 13.14 23.10
N ILE A 291 -18.04 12.62 24.27
CA ILE A 291 -18.44 11.22 24.40
C ILE A 291 -19.58 10.89 23.45
N ALA A 292 -20.54 11.81 23.31
CA ALA A 292 -21.75 11.50 22.55
C ALA A 292 -21.47 11.19 21.08
N ASP A 293 -20.39 11.74 20.51
CA ASP A 293 -20.08 11.53 19.10
C ASP A 293 -19.48 10.15 18.82
N LEU A 294 -19.39 9.29 19.83
CA LEU A 294 -18.86 7.94 19.64
C LEU A 294 -19.98 6.91 19.61
N GLY B 48 1.21 33.91 0.77
CA GLY B 48 -0.07 34.49 0.39
C GLY B 48 -1.16 34.20 1.41
N GLY B 49 -1.40 32.93 1.67
CA GLY B 49 -2.41 32.51 2.63
C GLY B 49 -3.69 32.05 1.96
N PRO B 50 -4.68 31.66 2.78
CA PRO B 50 -5.93 31.15 2.20
C PRO B 50 -6.68 32.19 1.39
N GLU B 51 -6.51 33.47 1.69
CA GLU B 51 -7.15 34.51 0.90
C GLU B 51 -6.56 34.55 -0.51
N GLN B 52 -5.23 34.43 -0.61
CA GLN B 52 -4.59 34.37 -1.93
C GLN B 52 -4.94 33.07 -2.64
N LEU B 53 -5.14 31.99 -1.89
CA LEU B 53 -5.58 30.74 -2.50
C LEU B 53 -6.95 30.89 -3.13
N ARG B 54 -7.88 31.55 -2.41
CA ARG B 54 -9.19 31.82 -2.96
C ARG B 54 -9.08 32.66 -4.24
N ARG B 55 -8.19 33.64 -4.25
CA ARG B 55 -8.05 34.47 -5.46
C ARG B 55 -7.46 33.65 -6.60
N ASN B 56 -6.62 32.66 -6.30
CA ASN B 56 -6.09 31.78 -7.34
C ASN B 56 -7.13 30.76 -7.77
N LEU B 57 -7.81 30.13 -6.80
CA LEU B 57 -8.90 29.22 -7.15
C LEU B 57 -10.01 29.95 -7.90
N ALA B 58 -10.13 31.27 -7.71
CA ALA B 58 -11.09 32.05 -8.47
C ALA B 58 -10.86 31.91 -9.97
N ARG B 59 -9.60 31.89 -10.40
CA ARG B 59 -9.29 31.71 -11.81
C ARG B 59 -9.60 30.29 -12.25
N VAL B 60 -9.36 29.30 -11.39
CA VAL B 60 -9.54 27.91 -11.78
C VAL B 60 -11.00 27.63 -12.12
N VAL B 61 -11.93 28.16 -11.32
CA VAL B 61 -13.35 27.95 -11.55
C VAL B 61 -14.00 29.06 -12.36
N GLY B 62 -13.34 30.20 -12.52
CA GLY B 62 -13.87 31.28 -13.33
C GLY B 62 -14.99 32.07 -12.67
N LYS B 63 -14.81 32.43 -11.41
CA LYS B 63 -15.76 33.21 -10.65
C LYS B 63 -14.99 34.17 -9.77
N PRO B 64 -15.61 35.23 -9.27
CA PRO B 64 -14.91 36.13 -8.36
C PRO B 64 -14.50 35.39 -7.11
N PRO B 65 -13.48 35.88 -6.39
CA PRO B 65 -12.99 35.12 -5.22
C PRO B 65 -14.06 34.74 -4.23
N ALA B 66 -15.00 35.65 -3.93
CA ALA B 66 -16.02 35.36 -2.91
C ALA B 66 -16.99 34.28 -3.34
N ASP B 67 -17.08 33.98 -4.64
CA ASP B 67 -18.01 32.98 -5.13
C ASP B 67 -17.37 31.60 -5.30
N VAL B 68 -16.11 31.43 -4.94
CA VAL B 68 -15.51 30.10 -5.01
C VAL B 68 -16.22 29.17 -4.02
N PRO B 69 -16.69 28.01 -4.45
CA PRO B 69 -17.45 27.14 -3.52
C PRO B 69 -16.67 26.81 -2.26
N ASP B 70 -17.34 26.93 -1.11
CA ASP B 70 -16.71 26.59 0.15
C ASP B 70 -16.26 25.14 0.19
N ASP B 71 -16.95 24.26 -0.56
CA ASP B 71 -16.53 22.87 -0.59
C ASP B 71 -15.19 22.71 -1.29
N LEU B 72 -14.90 23.57 -2.28
CA LEU B 72 -13.60 23.53 -2.93
C LEU B 72 -12.51 24.11 -2.04
N ILE B 73 -12.82 25.23 -1.35
CA ILE B 73 -11.83 25.84 -0.46
C ILE B 73 -11.49 24.88 0.68
N ARG B 74 -12.50 24.29 1.31
CA ARG B 74 -12.23 23.31 2.36
C ARG B 74 -11.49 22.11 1.82
N ALA B 75 -11.85 21.65 0.63
CA ALA B 75 -11.10 20.56 0.01
C ALA B 75 -9.66 21.00 -0.26
N SER B 76 -9.47 22.27 -0.62
CA SER B 76 -8.13 22.78 -0.89
C SER B 76 -7.33 22.97 0.41
N LEU B 77 -7.95 23.54 1.43
CA LEU B 77 -7.27 23.70 2.71
C LEU B 77 -6.94 22.35 3.33
N ALA B 78 -7.88 21.40 3.26
CA ALA B 78 -7.62 20.07 3.78
C ALA B 78 -6.55 19.36 2.96
N SER B 79 -6.55 19.58 1.64
CA SER B 79 -5.52 19.03 0.78
C SER B 79 -4.16 19.64 1.11
N TYR B 80 -4.11 20.96 1.28
CA TYR B 80 -2.86 21.63 1.62
C TYR B 80 -2.29 21.11 2.93
N ALA B 81 -3.14 20.93 3.94
CA ALA B 81 -2.67 20.39 5.21
C ALA B 81 -2.16 18.96 5.06
N ARG B 82 -2.81 18.16 4.19
CA ARG B 82 -2.42 16.77 4.04
C ARG B 82 -1.00 16.64 3.50
N TYR B 83 -0.63 17.49 2.55
CA TYR B 83 0.72 17.46 2.00
C TYR B 83 1.75 17.64 3.11
N TRP B 84 1.54 18.64 3.97
CA TRP B 84 2.50 18.90 5.04
C TRP B 84 2.50 17.78 6.08
N ARG B 85 1.31 17.28 6.43
CA ARG B 85 1.24 16.16 7.36
C ARG B 85 1.96 14.93 6.84
N GLU B 86 1.96 14.74 5.52
CA GLU B 86 2.68 13.62 4.92
C GLU B 86 4.16 13.92 4.81
N ALA B 87 4.53 15.15 4.49
CA ALA B 87 5.94 15.52 4.41
C ALA B 87 6.64 15.27 5.74
N PHE B 88 5.91 15.39 6.86
CA PHE B 88 6.49 15.11 8.16
C PHE B 88 6.85 13.64 8.30
N ARG B 89 5.91 12.76 7.97
CA ARG B 89 6.09 11.32 8.16
C ARG B 89 6.60 10.59 6.93
N LEU B 90 6.73 11.27 5.78
CA LEU B 90 7.14 10.57 4.57
C LEU B 90 8.48 9.88 4.73
N PRO B 91 9.53 10.49 5.29
CA PRO B 91 10.81 9.78 5.43
C PRO B 91 10.74 8.55 6.31
N ALA B 92 9.66 8.36 7.06
CA ALA B 92 9.54 7.24 7.99
C ALA B 92 8.69 6.11 7.44
N MET B 93 8.12 6.26 6.26
CA MET B 93 7.23 5.25 5.70
C MET B 93 8.03 4.18 4.97
N ASP B 94 7.35 3.09 4.64
CA ASP B 94 7.94 2.00 3.87
C ASP B 94 7.92 2.38 2.40
N HIS B 95 9.04 2.90 1.89
CA HIS B 95 9.07 3.36 0.51
C HIS B 95 8.98 2.21 -0.47
N GLY B 96 9.47 1.02 -0.09
CA GLY B 96 9.31 -0.14 -0.95
C GLY B 96 7.85 -0.52 -1.15
N ARG B 97 7.06 -0.44 -0.07
CA ARG B 97 5.62 -0.70 -0.18
C ARG B 97 4.93 0.37 -1.02
N LEU B 98 5.23 1.64 -0.78
CA LEU B 98 4.55 2.71 -1.51
C LEU B 98 4.79 2.58 -3.02
N GLY B 99 6.02 2.25 -3.42
CA GLY B 99 6.31 2.12 -4.84
C GLY B 99 5.60 0.95 -5.49
N GLU B 100 5.33 -0.10 -4.72
CA GLU B 100 4.68 -1.29 -5.26
C GLU B 100 3.17 -1.12 -5.34
N GLN B 101 2.58 -0.32 -4.45
CA GLN B 101 1.13 -0.22 -4.35
C GLN B 101 0.57 1.04 -4.98
N LEU B 102 1.35 2.10 -5.08
CA LEU B 102 0.93 3.30 -5.81
C LEU B 102 1.29 3.13 -7.29
N ASP B 103 0.42 3.64 -8.16
CA ASP B 103 0.61 3.53 -9.59
C ASP B 103 0.59 4.90 -10.24
N VAL B 104 1.11 4.95 -11.46
CA VAL B 104 1.17 6.17 -12.26
C VAL B 104 0.49 5.87 -13.59
N ILE B 105 -0.59 6.59 -13.87
CA ILE B 105 -1.33 6.37 -15.10
C ILE B 105 -0.45 6.70 -16.29
N ASP B 106 -0.42 5.79 -17.27
CA ASP B 106 0.32 6.00 -18.52
C ASP B 106 1.81 6.16 -18.26
N ILE B 107 2.33 5.40 -17.29
CA ILE B 107 3.76 5.43 -17.00
C ILE B 107 4.57 4.98 -18.22
N ASP B 108 3.98 4.14 -19.07
CA ASP B 108 4.71 3.68 -20.26
C ASP B 108 5.18 4.84 -21.14
N HIS B 109 4.52 5.99 -21.05
CA HIS B 109 5.03 7.18 -21.72
C HIS B 109 6.48 7.44 -21.34
N LEU B 110 6.82 7.29 -20.05
CA LEU B 110 8.18 7.53 -19.60
C LEU B 110 9.10 6.37 -19.98
N TRP B 111 8.62 5.13 -19.84
CA TRP B 111 9.45 3.97 -20.14
C TRP B 111 9.91 3.99 -21.60
N SER B 112 8.96 4.11 -22.53
CA SER B 112 9.31 4.06 -23.95
C SER B 112 10.25 5.19 -24.35
N ALA B 113 10.12 6.35 -23.71
CA ALA B 113 11.01 7.47 -24.04
C ALA B 113 12.41 7.23 -23.49
N LEU B 114 12.52 6.54 -22.35
CA LEU B 114 13.82 6.14 -21.84
C LEU B 114 14.36 4.93 -22.58
N ASP B 115 13.46 4.08 -23.11
CA ASP B 115 13.90 3.01 -24.00
C ASP B 115 14.48 3.54 -25.30
N ALA B 116 14.08 4.75 -25.69
CA ALA B 116 14.60 5.37 -26.91
C ALA B 116 15.91 6.10 -26.70
N GLY B 117 16.39 6.21 -25.46
CA GLY B 117 17.67 6.83 -25.21
C GLY B 117 17.66 8.34 -25.28
N ARG B 118 16.50 8.98 -25.13
CA ARG B 118 16.40 10.43 -25.29
C ARG B 118 16.53 11.19 -23.97
N GLY B 119 16.30 10.53 -22.84
CA GLY B 119 16.08 11.24 -21.59
C GLY B 119 14.64 11.69 -21.50
N ALA B 120 14.31 12.30 -20.36
CA ALA B 120 12.94 12.72 -20.12
C ALA B 120 12.90 13.85 -19.10
N VAL B 121 12.08 14.85 -19.39
CA VAL B 121 11.80 15.95 -18.47
C VAL B 121 10.40 15.73 -17.92
N LEU B 122 10.30 15.60 -16.60
CA LEU B 122 9.02 15.47 -15.92
C LEU B 122 8.68 16.83 -15.31
N ALA B 123 7.70 17.51 -15.91
CA ALA B 123 7.29 18.83 -15.49
C ALA B 123 5.88 18.75 -14.91
N LEU B 124 5.74 19.17 -13.66
CA LEU B 124 4.48 19.04 -12.94
C LEU B 124 4.22 20.32 -12.17
N PRO B 125 2.96 20.61 -11.86
CA PRO B 125 2.63 21.75 -11.00
C PRO B 125 2.60 21.34 -9.53
N HIS B 126 2.52 22.36 -8.67
CA HIS B 126 2.46 22.13 -7.24
C HIS B 126 1.10 21.58 -6.83
N SER B 127 0.80 20.35 -7.25
CA SER B 127 -0.46 19.71 -6.95
C SER B 127 -0.23 18.39 -6.22
N GLY B 128 -1.18 18.02 -5.37
CA GLY B 128 -1.10 16.76 -4.64
C GLY B 128 0.18 16.66 -3.83
N ASN B 129 0.75 15.46 -3.78
CA ASN B 129 2.01 15.21 -3.09
C ASN B 129 3.03 14.77 -4.14
N TRP B 130 3.90 15.69 -4.54
CA TRP B 130 4.94 15.38 -5.52
C TRP B 130 6.16 14.72 -4.90
N ASP B 131 6.38 14.90 -3.60
CA ASP B 131 7.45 14.16 -2.93
C ASP B 131 7.11 12.68 -2.81
N MET B 132 5.82 12.36 -2.74
CA MET B 132 5.39 10.97 -2.78
C MET B 132 5.61 10.38 -4.16
N ALA B 133 5.45 11.18 -5.21
CA ALA B 133 5.70 10.71 -6.57
C ALA B 133 7.18 10.45 -6.80
N GLY B 134 8.04 11.31 -6.25
CA GLY B 134 9.47 11.08 -6.39
C GLY B 134 9.91 9.78 -5.74
N VAL B 135 9.44 9.52 -4.53
CA VAL B 135 9.71 8.24 -3.87
C VAL B 135 9.30 7.10 -4.79
N TRP B 136 8.13 7.22 -5.42
CA TRP B 136 7.66 6.20 -6.33
C TRP B 136 8.65 6.00 -7.48
N LEU B 137 9.19 7.09 -8.02
CA LEU B 137 10.14 6.98 -9.12
C LEU B 137 11.47 6.41 -8.65
N VAL B 138 11.88 6.75 -7.43
CA VAL B 138 13.12 6.20 -6.88
C VAL B 138 13.02 4.69 -6.76
N GLN B 139 11.83 4.18 -6.41
CA GLN B 139 11.66 2.74 -6.24
C GLN B 139 11.37 2.03 -7.55
N ASN B 140 10.66 2.67 -8.48
CA ASN B 140 10.28 2.06 -9.74
C ASN B 140 11.26 2.35 -10.87
N TYR B 141 12.15 3.32 -10.69
CA TYR B 141 13.21 3.58 -11.66
C TYR B 141 14.56 3.68 -10.97
N GLY B 142 14.68 4.63 -10.05
CA GLY B 142 15.94 4.89 -9.38
C GLY B 142 16.11 6.36 -9.11
N PRO B 143 17.25 6.74 -8.54
CA PRO B 143 17.48 8.16 -8.23
C PRO B 143 17.31 9.04 -9.45
N PHE B 144 16.65 10.18 -9.25
CA PHE B 144 16.49 11.20 -10.28
C PHE B 144 17.00 12.52 -9.74
N THR B 145 17.13 13.50 -10.64
CA THR B 145 17.69 14.80 -10.29
C THR B 145 16.64 15.90 -10.38
N THR B 146 16.77 16.88 -9.50
CA THR B 146 15.89 18.04 -9.48
C THR B 146 16.65 19.22 -8.91
N VAL B 147 16.02 20.39 -8.97
CA VAL B 147 16.62 21.63 -8.48
C VAL B 147 15.81 22.14 -7.30
N ALA B 148 16.49 22.87 -6.40
CA ALA B 148 15.87 23.43 -5.22
C ALA B 148 16.26 24.89 -5.09
N GLU B 149 15.26 25.76 -4.96
CA GLU B 149 15.52 27.15 -4.64
C GLU B 149 16.23 27.25 -3.30
N ARG B 150 17.27 28.08 -3.24
CA ARG B 150 18.06 28.20 -2.02
C ARG B 150 17.34 29.15 -1.07
N LEU B 151 16.56 28.59 -0.16
CA LEU B 151 15.75 29.38 0.76
C LEU B 151 16.61 29.92 1.91
N LYS B 152 16.06 30.95 2.57
CA LYS B 152 16.67 31.51 3.76
C LYS B 152 15.74 31.26 4.95
N PRO B 153 16.29 30.97 6.14
CA PRO B 153 17.71 30.93 6.49
C PRO B 153 18.45 29.73 5.90
N GLU B 154 19.78 29.77 5.98
CA GLU B 154 20.58 28.66 5.45
C GLU B 154 20.26 27.36 6.16
N SER B 155 20.02 27.43 7.48
CA SER B 155 19.67 26.23 8.23
C SER B 155 18.42 25.58 7.65
N LEU B 156 17.46 26.39 7.19
CA LEU B 156 16.25 25.86 6.58
C LEU B 156 16.55 25.16 5.26
N TYR B 157 17.40 25.77 4.42
CA TYR B 157 17.69 25.16 3.12
C TYR B 157 18.25 23.75 3.29
N ARG B 158 19.19 23.57 4.23
CA ARG B 158 19.75 22.25 4.45
C ARG B 158 18.66 21.25 4.84
N ARG B 159 17.60 21.72 5.51
CA ARG B 159 16.52 20.84 5.92
C ARG B 159 15.82 20.23 4.72
N PHE B 160 15.34 21.09 3.80
CA PHE B 160 14.64 20.59 2.63
C PHE B 160 15.57 19.74 1.76
N VAL B 161 16.85 20.13 1.65
CA VAL B 161 17.82 19.30 0.94
C VAL B 161 17.93 17.94 1.62
N GLU B 162 18.23 17.95 2.92
CA GLU B 162 18.27 16.70 3.69
C GLU B 162 16.98 15.92 3.53
N TYR B 163 15.85 16.60 3.71
CA TYR B 163 14.54 15.95 3.61
C TYR B 163 14.40 15.18 2.31
N ARG B 164 14.64 15.85 1.19
CA ARG B 164 14.45 15.21 -0.12
C ARG B 164 15.57 14.23 -0.42
N GLU B 165 16.76 14.44 0.15
CA GLU B 165 17.83 13.46 -0.02
C GLU B 165 17.48 12.14 0.68
N SER B 166 16.82 12.21 1.84
CA SER B 166 16.37 11.01 2.53
C SER B 166 15.26 10.28 1.79
N LEU B 167 14.64 10.91 0.79
CA LEU B 167 13.66 10.24 -0.06
C LEU B 167 14.28 9.60 -1.29
N GLY B 168 15.52 9.95 -1.62
CA GLY B 168 16.21 9.38 -2.76
C GLY B 168 16.39 10.33 -3.93
N PHE B 169 15.99 11.59 -3.81
CA PHE B 169 16.14 12.52 -4.90
C PHE B 169 17.54 13.11 -4.87
N GLU B 170 18.06 13.45 -6.06
CA GLU B 170 19.26 14.28 -6.15
C GLU B 170 18.81 15.72 -6.28
N VAL B 171 19.20 16.55 -5.32
CA VAL B 171 18.78 17.94 -5.24
C VAL B 171 19.97 18.81 -5.62
N LEU B 172 19.79 19.65 -6.64
CA LEU B 172 20.83 20.56 -7.07
C LEU B 172 20.51 21.97 -6.60
N PRO B 173 21.42 22.66 -5.90
CA PRO B 173 21.13 24.04 -5.52
C PRO B 173 20.99 24.89 -6.77
N LEU B 174 19.81 25.49 -6.94
CA LEU B 174 19.56 26.30 -8.13
C LEU B 174 20.50 27.50 -8.21
N THR B 175 21.04 27.94 -7.07
CA THR B 175 22.02 29.03 -7.06
C THR B 175 23.01 28.78 -5.93
N GLY B 176 24.22 29.31 -6.10
CA GLY B 176 25.24 29.17 -5.09
C GLY B 176 25.92 27.82 -5.06
N GLY B 177 25.65 26.96 -6.05
CA GLY B 177 26.22 25.63 -6.08
C GLY B 177 27.59 25.60 -6.74
N GLU B 178 28.13 24.38 -6.85
CA GLU B 178 29.44 24.19 -7.46
C GLU B 178 29.37 24.27 -8.98
N ARG B 179 28.30 23.78 -9.57
CA ARG B 179 28.15 23.73 -11.02
C ARG B 179 26.83 24.39 -11.39
N PRO B 180 26.70 24.86 -12.63
CA PRO B 180 25.41 25.41 -13.07
C PRO B 180 24.36 24.33 -13.12
N PRO B 181 23.23 24.48 -12.42
CA PRO B 181 22.25 23.38 -12.38
C PRO B 181 21.73 22.98 -13.74
N PHE B 182 21.41 23.95 -14.59
CA PHE B 182 20.86 23.63 -15.91
C PHE B 182 21.86 22.83 -16.74
N GLU B 183 23.16 23.01 -16.49
CA GLU B 183 24.16 22.26 -17.23
C GLU B 183 24.36 20.86 -16.66
N VAL B 184 24.19 20.69 -15.35
CA VAL B 184 24.18 19.36 -14.76
C VAL B 184 22.93 18.60 -15.16
N LEU B 185 21.78 19.30 -15.20
CA LEU B 185 20.54 18.66 -15.59
C LEU B 185 20.59 18.17 -17.03
N ALA B 186 21.17 18.98 -17.93
CA ALA B 186 21.28 18.57 -19.31
C ALA B 186 22.08 17.28 -19.46
N GLU B 187 23.08 17.07 -18.60
CA GLU B 187 23.86 15.85 -18.65
C GLU B 187 23.02 14.62 -18.29
N ARG B 188 22.10 14.77 -17.33
CA ARG B 188 21.22 13.66 -17.00
C ARG B 188 20.33 13.29 -18.18
N LEU B 189 19.87 14.28 -18.94
CA LEU B 189 18.98 14.00 -20.06
C LEU B 189 19.74 13.37 -21.21
N THR B 190 20.92 13.88 -21.52
CA THR B 190 21.77 13.24 -22.53
C THR B 190 22.25 11.87 -22.05
N ASP B 191 22.23 11.63 -20.74
CA ASP B 191 22.50 10.31 -20.18
C ASP B 191 21.25 9.44 -20.12
N ASN B 192 20.16 9.86 -20.75
CA ASN B 192 18.92 9.10 -20.78
C ASN B 192 18.38 8.87 -19.37
N ARG B 193 18.23 9.94 -18.63
CA ARG B 193 17.72 9.89 -17.26
C ARG B 193 16.60 10.91 -17.07
N PRO B 194 15.72 10.67 -16.11
CA PRO B 194 14.62 11.61 -15.87
C PRO B 194 14.96 12.69 -14.86
N ILE B 195 14.46 13.90 -15.14
CA ILE B 195 14.52 15.01 -14.21
C ILE B 195 13.10 15.47 -13.91
N CYS B 196 12.91 16.04 -12.73
CA CYS B 196 11.60 16.50 -12.28
C CYS B 196 11.68 17.98 -11.93
N LEU B 197 10.79 18.77 -12.52
CA LEU B 197 10.79 20.22 -12.35
C LEU B 197 9.38 20.68 -12.04
N MET B 198 9.22 21.42 -10.95
CA MET B 198 7.96 22.11 -10.66
C MET B 198 7.88 23.33 -11.59
N ALA B 199 6.98 23.27 -12.58
CA ALA B 199 7.14 24.07 -13.78
C ALA B 199 5.89 24.87 -14.12
N GLU B 200 5.17 25.37 -13.11
CA GLU B 200 4.03 26.24 -13.36
C GLU B 200 4.16 27.62 -12.71
N ARG B 201 5.28 27.93 -12.09
CA ARG B 201 5.43 29.20 -11.40
C ARG B 201 6.88 29.66 -11.44
N ASP B 202 7.08 30.90 -11.90
CA ASP B 202 8.39 31.54 -11.87
C ASP B 202 8.19 33.03 -12.09
N LEU B 203 7.88 33.77 -11.03
CA LEU B 203 7.50 35.18 -11.13
C LEU B 203 8.71 36.10 -11.08
N THR B 204 9.80 35.72 -11.73
CA THR B 204 10.97 36.56 -11.88
C THR B 204 11.02 37.12 -13.30
N ARG B 205 12.00 37.99 -13.55
CA ARG B 205 12.17 38.56 -14.88
C ARG B 205 12.44 37.50 -15.93
N SER B 206 12.99 36.35 -15.55
CA SER B 206 13.40 35.33 -16.50
C SER B 206 12.37 34.21 -16.66
N GLY B 207 11.17 34.39 -16.12
CA GLY B 207 10.12 33.43 -16.33
C GLY B 207 9.42 33.67 -17.66
N VAL B 208 8.86 32.60 -18.22
CA VAL B 208 8.17 32.70 -19.51
C VAL B 208 6.74 33.16 -19.24
N GLN B 209 6.40 34.34 -19.74
CA GLN B 209 5.05 34.83 -19.60
C GLN B 209 4.14 34.01 -20.50
N VAL B 210 3.01 33.55 -19.95
CA VAL B 210 2.10 32.67 -20.68
C VAL B 210 0.69 32.91 -20.19
N ASP B 211 -0.28 32.45 -20.98
CA ASP B 211 -1.67 32.47 -20.56
C ASP B 211 -1.93 31.29 -19.62
N PHE B 212 -2.63 31.56 -18.52
CA PHE B 212 -2.89 30.53 -17.52
C PHE B 212 -4.28 30.81 -16.94
N PHE B 213 -5.26 30.02 -17.37
CA PHE B 213 -6.66 30.24 -17.01
C PHE B 213 -7.15 31.59 -17.50
N GLY B 214 -6.67 32.01 -18.67
CA GLY B 214 -7.14 33.22 -19.31
C GLY B 214 -6.48 34.50 -18.84
N GLU B 215 -5.51 34.43 -17.94
CA GLU B 215 -4.85 35.61 -17.41
C GLU B 215 -3.33 35.40 -17.41
N ALA B 216 -2.60 36.50 -17.34
CA ALA B 216 -1.15 36.47 -17.53
C ALA B 216 -0.43 36.05 -16.25
N THR B 217 0.44 35.04 -16.38
CA THR B 217 1.36 34.64 -15.33
C THR B 217 2.73 34.41 -15.97
N ARG B 218 3.67 33.89 -15.19
CA ARG B 218 5.00 33.56 -15.68
C ARG B 218 5.37 32.15 -15.21
N MET B 219 5.92 31.35 -16.12
CA MET B 219 6.34 29.99 -15.83
C MET B 219 7.79 29.78 -16.21
N PRO B 220 8.48 28.83 -15.58
CA PRO B 220 9.91 28.64 -15.88
C PRO B 220 10.14 28.14 -17.30
N ALA B 221 11.25 28.58 -17.88
CA ALA B 221 11.67 28.12 -19.21
C ALA B 221 12.48 26.83 -19.14
N GLY B 222 12.89 26.40 -17.95
CA GLY B 222 13.76 25.25 -17.81
C GLY B 222 13.31 24.02 -18.57
N PRO B 223 12.07 23.59 -18.36
CA PRO B 223 11.60 22.37 -19.04
C PRO B 223 11.72 22.46 -20.56
N ALA B 224 11.30 23.57 -21.15
CA ALA B 224 11.37 23.73 -22.60
C ALA B 224 12.83 23.81 -23.06
N LYS B 225 13.68 24.51 -22.29
CA LYS B 225 15.07 24.67 -22.69
C LYS B 225 15.79 23.33 -22.75
N LEU B 226 15.45 22.41 -21.86
CA LEU B 226 16.17 21.15 -21.80
C LEU B 226 15.67 20.15 -22.84
N ALA B 227 14.38 20.18 -23.18
CA ALA B 227 13.90 19.31 -24.25
C ALA B 227 14.46 19.74 -25.60
N ILE B 228 14.63 21.05 -25.78
CA ILE B 228 15.25 21.58 -27.00
C ILE B 228 16.73 21.20 -27.03
N GLU B 229 17.47 21.61 -26.01
CA GLU B 229 18.93 21.44 -26.04
C GLU B 229 19.33 19.97 -26.07
N THR B 230 18.52 19.08 -25.49
CA THR B 230 18.87 17.67 -25.41
C THR B 230 18.00 16.76 -26.26
N GLY B 231 16.90 17.28 -26.81
CA GLY B 231 15.95 16.41 -27.48
C GLY B 231 15.15 15.53 -26.55
N ALA B 232 15.27 15.75 -25.24
CA ALA B 232 14.56 14.92 -24.27
C ALA B 232 13.06 15.08 -24.41
N ALA B 233 12.33 14.02 -24.05
CA ALA B 233 10.88 14.07 -24.07
C ALA B 233 10.38 14.93 -22.91
N LEU B 234 9.51 15.88 -23.21
CA LEU B 234 8.97 16.80 -22.21
C LEU B 234 7.56 16.33 -21.86
N PHE B 235 7.43 15.71 -20.68
CA PHE B 235 6.18 15.12 -20.25
C PHE B 235 5.48 16.03 -19.25
N PRO B 236 4.23 16.43 -19.47
CA PRO B 236 3.45 16.99 -18.36
C PRO B 236 3.11 15.89 -17.37
N VAL B 237 3.19 16.24 -16.08
CA VAL B 237 2.92 15.29 -15.01
C VAL B 237 1.98 15.97 -14.01
N HIS B 238 1.12 15.18 -13.39
CA HIS B 238 0.17 15.70 -12.42
C HIS B 238 0.05 14.73 -11.26
N CYS B 239 0.02 15.29 -10.05
CA CYS B 239 -0.21 14.52 -8.84
C CYS B 239 -1.44 15.06 -8.13
N TRP B 240 -2.20 14.17 -7.52
CA TRP B 240 -3.39 14.56 -6.78
C TRP B 240 -3.63 13.53 -5.68
N PHE B 241 -4.65 13.79 -4.86
CA PHE B 241 -5.03 12.90 -3.77
C PHE B 241 -6.30 12.17 -4.20
N GLU B 242 -6.19 10.86 -4.40
CA GLU B 242 -7.31 10.04 -4.85
C GLU B 242 -7.85 9.31 -3.61
N GLY B 243 -8.68 10.04 -2.86
CA GLY B 243 -9.18 9.51 -1.59
C GLY B 243 -8.08 9.56 -0.55
N ASP B 244 -7.84 8.45 0.13
CA ASP B 244 -6.72 8.33 1.05
C ASP B 244 -5.43 7.87 0.37
N GLY B 245 -5.44 7.74 -0.96
CA GLY B 245 -4.28 7.38 -1.71
C GLY B 245 -3.73 8.56 -2.51
N TRP B 246 -2.87 8.24 -3.47
CA TRP B 246 -2.23 9.27 -4.27
C TRP B 246 -2.37 8.89 -5.73
N GLY B 247 -2.90 9.82 -6.52
CA GLY B 247 -3.05 9.64 -7.95
C GLY B 247 -1.94 10.38 -8.68
N MET B 248 -1.36 9.71 -9.67
CA MET B 248 -0.24 10.25 -10.43
C MET B 248 -0.40 9.81 -11.87
N ARG B 249 0.04 10.67 -12.79
CA ARG B 249 -0.18 10.40 -14.20
C ARG B 249 0.90 11.08 -15.03
N VAL B 250 1.35 10.39 -16.06
CA VAL B 250 2.24 10.96 -17.07
C VAL B 250 1.39 11.21 -18.31
N TYR B 251 1.52 12.39 -18.88
CA TYR B 251 0.74 12.79 -20.03
C TYR B 251 1.60 12.80 -21.28
N PRO B 252 0.99 12.77 -22.47
CA PRO B 252 1.79 12.70 -23.70
C PRO B 252 2.84 13.79 -23.75
N GLU B 253 4.01 13.44 -24.28
CA GLU B 253 5.09 14.41 -24.37
C GLU B 253 4.70 15.54 -25.32
N LEU B 254 5.21 16.73 -25.03
CA LEU B 254 4.83 17.89 -25.81
C LEU B 254 5.55 17.91 -27.15
N ASP B 255 4.94 18.62 -28.09
CA ASP B 255 5.51 18.77 -29.43
C ASP B 255 6.54 19.89 -29.39
N THR B 256 7.82 19.52 -29.50
CA THR B 256 8.92 20.46 -29.53
C THR B 256 9.37 20.80 -30.95
N SER B 257 8.49 20.59 -31.93
CA SER B 257 8.87 20.84 -33.32
C SER B 257 9.25 22.30 -33.53
N SER B 258 8.51 23.22 -32.91
CA SER B 258 8.75 24.64 -33.14
C SER B 258 10.10 25.09 -32.60
N GLY B 259 10.60 24.42 -31.54
CA GLY B 259 11.82 24.86 -30.88
C GLY B 259 11.68 26.19 -30.19
N ASP B 260 10.45 26.69 -30.07
CA ASP B 260 10.18 27.98 -29.45
C ASP B 260 9.86 27.79 -27.97
N VAL B 261 10.70 28.37 -27.10
CA VAL B 261 10.50 28.22 -25.67
C VAL B 261 9.15 28.80 -25.24
N THR B 262 8.72 29.88 -25.88
CA THR B 262 7.45 30.48 -25.53
C THR B 262 6.28 29.58 -25.91
N ALA B 263 6.28 29.07 -27.14
CA ALA B 263 5.19 28.22 -27.60
C ALA B 263 5.11 26.94 -26.79
N ILE B 264 6.26 26.37 -26.43
CA ILE B 264 6.27 25.11 -25.69
C ILE B 264 5.83 25.32 -24.25
N THR B 265 6.38 26.34 -23.59
CA THR B 265 5.97 26.60 -22.21
C THR B 265 4.49 26.97 -22.13
N GLN B 266 3.97 27.62 -23.18
CA GLN B 266 2.53 27.89 -23.23
C GLN B 266 1.74 26.59 -23.38
N ALA B 267 2.24 25.67 -24.22
CA ALA B 267 1.61 24.36 -24.34
C ALA B 267 1.65 23.60 -23.04
N LEU B 268 2.71 23.77 -22.24
CA LEU B 268 2.79 23.13 -20.93
C LEU B 268 1.72 23.68 -19.99
N ALA B 269 1.50 25.00 -20.00
CA ALA B 269 0.50 25.60 -19.12
C ALA B 269 -0.90 25.09 -19.44
N ASP B 270 -1.23 24.95 -20.72
CA ASP B 270 -2.57 24.50 -21.09
C ASP B 270 -2.88 23.13 -20.48
N ARG B 271 -1.90 22.22 -20.48
CA ARG B 271 -2.12 20.92 -19.84
C ARG B 271 -2.23 21.07 -18.32
N PHE B 272 -1.40 21.93 -17.73
CA PHE B 272 -1.50 22.15 -16.29
C PHE B 272 -2.84 22.75 -15.93
N ALA B 273 -3.29 23.74 -16.70
CA ALA B 273 -4.60 24.35 -16.44
C ALA B 273 -5.72 23.33 -16.63
N ALA B 274 -5.58 22.45 -17.62
CA ALA B 274 -6.60 21.42 -17.85
C ALA B 274 -6.63 20.41 -16.71
N ASN B 275 -5.46 20.04 -16.18
CA ASN B 275 -5.41 19.09 -15.08
C ASN B 275 -5.79 19.77 -13.76
N ILE B 276 -5.29 20.98 -13.53
CA ILE B 276 -5.67 21.70 -12.31
C ILE B 276 -7.18 21.87 -12.27
N ALA B 277 -7.79 22.14 -13.43
CA ALA B 277 -9.24 22.25 -13.50
C ALA B 277 -9.92 20.93 -13.19
N THR B 278 -9.22 19.81 -13.40
CA THR B 278 -9.79 18.50 -13.12
C THR B 278 -9.70 18.17 -11.63
N TYR B 279 -8.58 18.53 -10.99
CA TYR B 279 -8.37 18.33 -9.56
C TYR B 279 -8.07 19.69 -8.93
N PRO B 280 -9.06 20.59 -8.90
CA PRO B 280 -8.79 21.96 -8.44
C PRO B 280 -8.40 22.05 -6.97
N ALA B 281 -8.93 21.17 -6.11
CA ALA B 281 -8.63 21.27 -4.68
C ALA B 281 -7.22 20.81 -4.34
N ASP B 282 -6.59 19.99 -5.18
CA ASP B 282 -5.30 19.41 -4.88
C ASP B 282 -4.13 20.27 -5.33
N TRP B 283 -4.38 21.50 -5.77
CA TRP B 283 -3.33 22.41 -6.24
C TRP B 283 -3.04 23.37 -5.11
N HIS B 284 -1.91 23.18 -4.43
CA HIS B 284 -1.57 23.96 -3.24
C HIS B 284 -0.82 25.23 -3.66
N MET B 285 -1.57 26.15 -4.25
CA MET B 285 -1.05 27.45 -4.66
C MET B 285 -1.67 28.52 -3.75
N LEU B 286 -1.06 28.72 -2.59
CA LEU B 286 -1.47 29.80 -1.70
C LEU B 286 -0.68 31.08 -1.93
N GLN B 287 0.39 31.03 -2.73
CA GLN B 287 1.17 32.19 -3.08
C GLN B 287 0.62 32.85 -4.34
N PRO B 288 0.95 34.12 -4.57
CA PRO B 288 0.52 34.76 -5.82
C PRO B 288 1.02 33.99 -7.03
N GLN B 289 0.10 33.69 -7.94
CA GLN B 289 0.40 32.97 -9.17
C GLN B 289 0.36 33.89 -10.38
N TRP B 290 -0.68 34.71 -10.50
CA TRP B 290 -0.87 35.58 -11.64
C TRP B 290 -0.22 36.95 -11.42
N ILE B 291 0.26 37.53 -12.52
CA ILE B 291 0.96 38.81 -12.43
C ILE B 291 0.09 39.85 -11.75
N ALA B 292 -1.20 39.85 -12.04
CA ALA B 292 -2.07 40.88 -11.50
C ALA B 292 -2.09 40.84 -9.98
N ASP B 293 -1.86 39.66 -9.40
CA ASP B 293 -1.85 39.50 -7.95
C ASP B 293 -0.53 39.96 -7.32
N LEU B 294 0.40 40.52 -8.08
CA LEU B 294 1.66 41.00 -7.53
C LEU B 294 1.61 42.50 -7.36
N SER B 295 2.19 42.98 -6.26
CA SER B 295 2.21 44.40 -5.98
C SER B 295 2.88 45.16 -7.13
N ASP B 296 2.52 46.44 -7.26
CA ASP B 296 3.15 47.28 -8.28
C ASP B 296 4.66 47.28 -8.15
N GLU B 297 5.18 47.04 -6.95
CA GLU B 297 6.63 47.00 -6.73
C GLU B 297 7.23 45.70 -7.27
N ARG B 298 6.65 44.56 -6.88
CA ARG B 298 7.16 43.27 -7.33
C ARG B 298 7.27 43.22 -8.86
N ARG B 299 6.31 43.81 -9.55
CA ARG B 299 6.32 43.84 -11.01
C ARG B 299 7.52 44.65 -11.52
N GLY C 48 -6.89 -38.95 14.48
CA GLY C 48 -5.90 -38.52 15.44
C GLY C 48 -6.12 -39.09 16.82
N GLY C 49 -6.80 -38.32 17.68
CA GLY C 49 -7.09 -38.74 19.04
C GLY C 49 -6.17 -38.14 20.08
N PRO C 50 -6.41 -38.48 21.35
CA PRO C 50 -5.60 -37.88 22.43
C PRO C 50 -4.13 -38.28 22.37
N GLU C 51 -3.82 -39.46 21.85
CA GLU C 51 -2.42 -39.85 21.69
C GLU C 51 -1.75 -38.97 20.65
N GLN C 52 -2.45 -38.67 19.57
CA GLN C 52 -1.93 -37.77 18.54
C GLN C 52 -1.76 -36.36 19.08
N LEU C 53 -2.59 -35.96 20.05
CA LEU C 53 -2.42 -34.66 20.67
C LEU C 53 -1.08 -34.59 21.40
N ARG C 54 -0.73 -35.64 22.15
CA ARG C 54 0.59 -35.70 22.77
C ARG C 54 1.70 -35.66 21.72
N ARG C 55 1.50 -36.35 20.60
CA ARG C 55 2.53 -36.39 19.56
C ARG C 55 2.70 -35.03 18.89
N ASN C 56 1.63 -34.24 18.82
CA ASN C 56 1.73 -32.90 18.24
C ASN C 56 2.39 -31.92 19.21
N LEU C 57 2.00 -31.96 20.48
CA LEU C 57 2.63 -31.12 21.49
C LEU C 57 4.12 -31.40 21.63
N ALA C 58 4.58 -32.59 21.22
CA ALA C 58 6.00 -32.89 21.29
C ALA C 58 6.81 -31.87 20.51
N ARG C 59 6.32 -31.45 19.35
CA ARG C 59 7.02 -30.42 18.57
C ARG C 59 6.91 -29.06 19.23
N VAL C 60 5.75 -28.76 19.82
CA VAL C 60 5.53 -27.44 20.41
C VAL C 60 6.49 -27.19 21.57
N VAL C 61 6.69 -28.20 22.42
CA VAL C 61 7.57 -28.05 23.58
C VAL C 61 8.99 -28.51 23.30
N GLY C 62 9.22 -29.24 22.22
CA GLY C 62 10.57 -29.68 21.90
C GLY C 62 11.03 -30.84 22.77
N LYS C 63 10.18 -31.83 22.98
CA LYS C 63 10.50 -33.00 23.78
C LYS C 63 9.88 -34.22 23.14
N PRO C 64 10.38 -35.42 23.45
CA PRO C 64 9.74 -36.63 22.95
C PRO C 64 8.34 -36.78 23.51
N PRO C 65 7.48 -37.56 22.85
CA PRO C 65 6.10 -37.68 23.35
C PRO C 65 6.01 -38.06 24.82
N ALA C 66 6.87 -38.98 25.27
CA ALA C 66 6.78 -39.46 26.64
C ALA C 66 7.15 -38.39 27.66
N ASP C 67 7.85 -37.33 27.26
CA ASP C 67 8.23 -36.26 28.16
C ASP C 67 7.26 -35.09 28.11
N VAL C 68 6.19 -35.18 27.34
CA VAL C 68 5.20 -34.11 27.30
C VAL C 68 4.53 -34.01 28.67
N PRO C 69 4.50 -32.83 29.30
CA PRO C 69 3.94 -32.75 30.66
C PRO C 69 2.50 -33.26 30.71
N ASP C 70 2.23 -34.12 31.70
CA ASP C 70 0.87 -34.61 31.88
C ASP C 70 -0.10 -33.48 32.20
N ASP C 71 0.39 -32.43 32.87
CA ASP C 71 -0.45 -31.29 33.19
C ASP C 71 -0.83 -30.48 31.94
N LEU C 72 0.06 -30.43 30.95
CA LEU C 72 -0.25 -29.70 29.72
C LEU C 72 -1.27 -30.45 28.88
N ILE C 73 -1.17 -31.78 28.81
CA ILE C 73 -2.16 -32.57 28.08
C ILE C 73 -3.55 -32.34 28.68
N ARG C 74 -3.66 -32.35 30.00
CA ARG C 74 -4.95 -32.12 30.64
C ARG C 74 -5.48 -30.73 30.30
N ALA C 75 -4.60 -29.73 30.29
CA ALA C 75 -5.00 -28.38 29.91
C ALA C 75 -5.46 -28.33 28.46
N SER C 76 -4.84 -29.13 27.59
CA SER C 76 -5.24 -29.14 26.18
C SER C 76 -6.59 -29.82 26.00
N LEU C 77 -6.82 -30.94 26.69
CA LEU C 77 -8.12 -31.59 26.62
C LEU C 77 -9.21 -30.68 27.15
N ALA C 78 -8.92 -29.95 28.23
CA ALA C 78 -9.90 -28.98 28.74
C ALA C 78 -10.13 -27.86 27.74
N SER C 79 -9.07 -27.43 27.05
CA SER C 79 -9.23 -26.43 25.99
C SER C 79 -10.04 -27.00 24.83
N TYR C 80 -9.69 -28.21 24.38
CA TYR C 80 -10.43 -28.84 23.30
C TYR C 80 -11.89 -29.06 23.68
N ALA C 81 -12.14 -29.54 24.90
CA ALA C 81 -13.51 -29.73 25.36
C ALA C 81 -14.25 -28.40 25.45
N ARG C 82 -13.54 -27.34 25.85
CA ARG C 82 -14.18 -26.04 26.05
C ARG C 82 -14.73 -25.48 24.74
N TYR C 83 -13.96 -25.62 23.65
CA TYR C 83 -14.42 -25.10 22.36
C TYR C 83 -15.77 -25.70 21.97
N TRP C 84 -15.91 -27.03 22.07
CA TRP C 84 -17.15 -27.67 21.65
C TRP C 84 -18.30 -27.28 22.58
N ARG C 85 -18.03 -27.22 23.88
CA ARG C 85 -19.06 -26.81 24.83
C ARG C 85 -19.54 -25.39 24.53
N GLU C 86 -18.64 -24.52 24.07
CA GLU C 86 -19.02 -23.17 23.70
C GLU C 86 -19.65 -23.14 22.30
N ALA C 87 -19.10 -23.93 21.37
CA ALA C 87 -19.68 -24.00 20.03
C ALA C 87 -21.10 -24.51 20.06
N PHE C 88 -21.44 -25.34 21.04
CA PHE C 88 -22.81 -25.84 21.16
C PHE C 88 -23.78 -24.71 21.46
N ARG C 89 -23.45 -23.88 22.44
CA ARG C 89 -24.33 -22.81 22.90
C ARG C 89 -24.06 -21.47 22.22
N LEU C 90 -23.04 -21.38 21.36
CA LEU C 90 -22.67 -20.10 20.78
C LEU C 90 -23.82 -19.43 20.02
N PRO C 91 -24.58 -20.12 19.16
CA PRO C 91 -25.67 -19.44 18.44
C PRO C 91 -26.75 -18.90 19.36
N ALA C 92 -26.76 -19.29 20.63
CA ALA C 92 -27.80 -18.88 21.57
C ALA C 92 -27.32 -17.75 22.49
N MET C 93 -26.08 -17.32 22.37
CA MET C 93 -25.56 -16.30 23.26
C MET C 93 -25.92 -14.93 22.72
N ASP C 94 -25.75 -13.91 23.56
CA ASP C 94 -26.01 -12.53 23.14
C ASP C 94 -24.78 -12.06 22.39
N HIS C 95 -24.82 -12.17 21.05
CA HIS C 95 -23.65 -11.82 20.25
C HIS C 95 -23.41 -10.32 20.23
N GLY C 96 -24.46 -9.52 20.35
CA GLY C 96 -24.27 -8.09 20.51
C GLY C 96 -23.52 -7.76 21.79
N ARG C 97 -23.85 -8.47 22.87
CA ARG C 97 -23.15 -8.28 24.13
C ARG C 97 -21.69 -8.74 24.02
N LEU C 98 -21.47 -9.89 23.40
CA LEU C 98 -20.12 -10.44 23.28
C LEU C 98 -19.18 -9.49 22.54
N GLY C 99 -19.67 -8.87 21.48
CA GLY C 99 -18.81 -8.00 20.68
C GLY C 99 -18.33 -6.79 21.45
N GLU C 100 -19.12 -6.33 22.42
CA GLU C 100 -18.74 -5.15 23.19
C GLU C 100 -17.77 -5.49 24.31
N GLN C 101 -17.78 -6.72 24.82
CA GLN C 101 -16.98 -7.07 25.99
C GLN C 101 -15.72 -7.84 25.67
N LEU C 102 -15.67 -8.56 24.55
CA LEU C 102 -14.44 -9.17 24.09
C LEU C 102 -13.69 -8.20 23.20
N ASP C 103 -12.35 -8.20 23.30
CA ASP C 103 -11.51 -7.31 22.54
C ASP C 103 -10.46 -8.09 21.78
N VAL C 104 -9.88 -7.44 20.78
CA VAL C 104 -8.85 -8.02 19.92
C VAL C 104 -7.62 -7.12 19.97
N ILE C 105 -6.50 -7.68 20.41
CA ILE C 105 -5.27 -6.91 20.50
C ILE C 105 -4.85 -6.45 19.10
N ASP C 106 -4.55 -5.17 18.98
CA ASP C 106 -4.03 -4.60 17.73
C ASP C 106 -5.01 -4.77 16.56
N ILE C 107 -6.30 -4.69 16.86
CA ILE C 107 -7.30 -4.75 15.79
C ILE C 107 -7.10 -3.62 14.80
N ASP C 108 -6.53 -2.50 15.25
CA ASP C 108 -6.28 -1.36 14.38
C ASP C 108 -5.43 -1.74 13.17
N HIS C 109 -4.65 -2.81 13.26
CA HIS C 109 -3.94 -3.32 12.10
C HIS C 109 -4.90 -3.54 10.94
N LEU C 110 -6.08 -4.09 11.23
CA LEU C 110 -7.06 -4.37 10.19
C LEU C 110 -7.76 -3.10 9.70
N TRP C 111 -8.11 -2.20 10.62
CA TRP C 111 -8.84 -1.00 10.23
C TRP C 111 -8.04 -0.17 9.23
N SER C 112 -6.80 0.19 9.59
CA SER C 112 -6.00 1.02 8.72
C SER C 112 -5.71 0.32 7.39
N ALA C 113 -5.62 -1.01 7.40
CA ALA C 113 -5.39 -1.74 6.15
C ALA C 113 -6.64 -1.75 5.28
N LEU C 114 -7.83 -1.76 5.88
CA LEU C 114 -9.06 -1.60 5.12
C LEU C 114 -9.31 -0.14 4.77
N ASP C 115 -8.75 0.79 5.55
CA ASP C 115 -8.80 2.20 5.17
C ASP C 115 -8.04 2.44 3.87
N ALA C 116 -7.12 1.56 3.51
CA ALA C 116 -6.35 1.68 2.27
C ALA C 116 -7.09 1.13 1.06
N GLY C 117 -8.26 0.52 1.24
CA GLY C 117 -9.04 0.03 0.13
C GLY C 117 -8.53 -1.25 -0.48
N ARG C 118 -7.71 -2.01 0.26
CA ARG C 118 -7.06 -3.20 -0.27
C ARG C 118 -7.79 -4.49 0.01
N GLY C 119 -8.67 -4.52 1.02
CA GLY C 119 -9.12 -5.77 1.57
C GLY C 119 -8.12 -6.28 2.58
N ALA C 120 -8.43 -7.40 3.21
CA ALA C 120 -7.58 -7.94 4.26
C ALA C 120 -7.78 -9.43 4.40
N VAL C 121 -6.67 -10.15 4.55
CA VAL C 121 -6.68 -11.59 4.81
C VAL C 121 -6.34 -11.82 6.28
N LEU C 122 -7.27 -12.47 7.00
CA LEU C 122 -7.05 -12.87 8.38
C LEU C 122 -6.75 -14.36 8.40
N ALA C 123 -5.50 -14.70 8.70
CA ALA C 123 -5.03 -16.09 8.72
C ALA C 123 -4.74 -16.48 10.15
N LEU C 124 -5.40 -17.53 10.63
CA LEU C 124 -5.29 -17.96 12.01
C LEU C 124 -5.21 -19.47 12.07
N PRO C 125 -4.61 -20.01 13.13
CA PRO C 125 -4.62 -21.46 13.34
C PRO C 125 -5.83 -21.90 14.17
N HIS C 126 -6.02 -23.21 14.23
CA HIS C 126 -7.09 -23.78 15.03
C HIS C 126 -6.78 -23.68 16.51
N SER C 127 -6.75 -22.46 17.04
CA SER C 127 -6.45 -22.21 18.44
C SER C 127 -7.61 -21.45 19.08
N GLY C 128 -7.79 -21.68 20.38
CA GLY C 128 -8.86 -21.00 21.10
C GLY C 128 -10.21 -21.27 20.46
N ASN C 129 -11.06 -20.26 20.44
CA ASN C 129 -12.37 -20.33 19.81
C ASN C 129 -12.40 -19.33 18.66
N TRP C 130 -12.28 -19.85 17.43
CA TRP C 130 -12.32 -19.00 16.25
C TRP C 130 -13.75 -18.66 15.83
N ASP C 131 -14.73 -19.45 16.26
CA ASP C 131 -16.12 -19.08 16.03
C ASP C 131 -16.54 -17.90 16.89
N MET C 132 -15.93 -17.76 18.07
CA MET C 132 -16.16 -16.58 18.90
C MET C 132 -15.53 -15.33 18.29
N ALA C 133 -14.38 -15.48 17.63
CA ALA C 133 -13.75 -14.33 17.00
C ALA C 133 -14.57 -13.82 15.83
N GLY C 134 -15.15 -14.73 15.04
CA GLY C 134 -16.02 -14.30 13.97
C GLY C 134 -17.23 -13.55 14.46
N VAL C 135 -17.88 -14.08 15.51
CA VAL C 135 -18.99 -13.37 16.14
C VAL C 135 -18.56 -11.96 16.52
N TRP C 136 -17.36 -11.83 17.10
CA TRP C 136 -16.86 -10.51 17.46
C TRP C 136 -16.71 -9.63 16.23
N LEU C 137 -16.19 -10.18 15.13
CA LEU C 137 -16.00 -9.39 13.92
C LEU C 137 -17.32 -9.08 13.22
N VAL C 138 -18.27 -10.01 13.26
CA VAL C 138 -19.57 -9.76 12.64
C VAL C 138 -20.25 -8.57 13.29
N GLN C 139 -20.09 -8.42 14.60
CA GLN C 139 -20.70 -7.31 15.33
C GLN C 139 -19.83 -6.06 15.26
N ASN C 140 -18.52 -6.22 15.23
CA ASN C 140 -17.60 -5.09 15.23
C ASN C 140 -17.21 -4.64 13.83
N TYR C 141 -17.48 -5.45 12.80
CA TYR C 141 -17.27 -5.03 11.41
C TYR C 141 -18.50 -5.33 10.58
N GLY C 142 -18.88 -6.61 10.52
CA GLY C 142 -19.98 -7.04 9.70
C GLY C 142 -19.70 -8.42 9.11
N PRO C 143 -20.64 -8.92 8.30
CA PRO C 143 -20.44 -10.26 7.72
C PRO C 143 -19.13 -10.35 6.95
N PHE C 144 -18.44 -11.47 7.13
CA PHE C 144 -17.22 -11.78 6.40
C PHE C 144 -17.39 -13.14 5.73
N THR C 145 -16.44 -13.47 4.86
CA THR C 145 -16.49 -14.71 4.09
C THR C 145 -15.36 -15.64 4.50
N THR C 146 -15.65 -16.94 4.45
CA THR C 146 -14.67 -17.97 4.75
C THR C 146 -15.04 -19.22 3.97
N VAL C 147 -14.16 -20.21 4.01
CA VAL C 147 -14.37 -21.48 3.32
C VAL C 147 -14.46 -22.59 4.35
N ALA C 148 -15.20 -23.64 4.00
CA ALA C 148 -15.40 -24.78 4.87
C ALA C 148 -15.14 -26.06 4.08
N GLU C 149 -14.26 -26.91 4.60
CA GLU C 149 -14.05 -28.22 4.00
C GLU C 149 -15.36 -29.01 3.99
N ARG C 150 -15.62 -29.68 2.87
CA ARG C 150 -16.88 -30.40 2.68
C ARG C 150 -16.79 -31.75 3.40
N LEU C 151 -17.33 -31.80 4.61
CA LEU C 151 -17.29 -33.02 5.40
C LEU C 151 -18.32 -34.02 4.89
N LYS C 152 -18.10 -35.29 5.24
CA LYS C 152 -19.08 -36.34 4.95
C LYS C 152 -19.62 -36.88 6.27
N PRO C 153 -20.93 -37.17 6.34
CA PRO C 153 -21.96 -37.07 5.30
C PRO C 153 -22.35 -35.63 4.97
N GLU C 154 -23.11 -35.44 3.90
CA GLU C 154 -23.55 -34.11 3.52
C GLU C 154 -24.38 -33.47 4.63
N SER C 155 -25.21 -34.28 5.31
CA SER C 155 -26.02 -33.75 6.40
C SER C 155 -25.16 -33.13 7.50
N LEU C 156 -24.00 -33.73 7.77
CA LEU C 156 -23.11 -33.16 8.77
C LEU C 156 -22.59 -31.80 8.32
N TYR C 157 -22.16 -31.69 7.06
CA TYR C 157 -21.72 -30.40 6.53
C TYR C 157 -22.85 -29.38 6.65
N ARG C 158 -24.08 -29.78 6.31
CA ARG C 158 -25.21 -28.87 6.42
C ARG C 158 -25.38 -28.37 7.86
N ARG C 159 -25.13 -29.24 8.83
CA ARG C 159 -25.18 -28.82 10.23
C ARG C 159 -24.19 -27.69 10.50
N PHE C 160 -22.98 -27.80 9.97
CA PHE C 160 -21.96 -26.79 10.20
C PHE C 160 -22.28 -25.50 9.48
N VAL C 161 -22.86 -25.60 8.28
CA VAL C 161 -23.25 -24.39 7.54
C VAL C 161 -24.27 -23.58 8.32
N GLU C 162 -25.38 -24.22 8.71
CA GLU C 162 -26.40 -23.52 9.49
C GLU C 162 -25.80 -22.87 10.73
N TYR C 163 -25.01 -23.65 11.48
CA TYR C 163 -24.40 -23.13 12.71
C TYR C 163 -23.65 -21.83 12.45
N ARG C 164 -22.73 -21.84 11.48
CA ARG C 164 -21.89 -20.66 11.24
C ARG C 164 -22.66 -19.55 10.54
N GLU C 165 -23.68 -19.88 9.75
CA GLU C 165 -24.50 -18.85 9.13
C GLU C 165 -25.32 -18.09 10.17
N SER C 166 -25.79 -18.79 11.21
CA SER C 166 -26.50 -18.12 12.29
C SER C 166 -25.59 -17.21 13.11
N LEU C 167 -24.28 -17.32 12.96
CA LEU C 167 -23.34 -16.42 13.61
C LEU C 167 -22.98 -15.22 12.74
N GLY C 168 -23.31 -15.26 11.45
CA GLY C 168 -23.04 -14.16 10.54
C GLY C 168 -21.95 -14.41 9.53
N PHE C 169 -21.38 -15.60 9.46
CA PHE C 169 -20.33 -15.88 8.50
C PHE C 169 -20.95 -16.27 7.16
N GLU C 170 -20.27 -15.92 6.07
CA GLU C 170 -20.57 -16.48 4.77
C GLU C 170 -19.62 -17.65 4.56
N VAL C 171 -20.18 -18.84 4.38
CA VAL C 171 -19.41 -20.07 4.27
C VAL C 171 -19.42 -20.50 2.81
N LEU C 172 -18.24 -20.62 2.22
CA LEU C 172 -18.12 -21.07 0.84
C LEU C 172 -17.69 -22.52 0.83
N PRO C 173 -18.42 -23.43 0.18
CA PRO C 173 -17.97 -24.83 0.14
C PRO C 173 -16.67 -24.97 -0.61
N LEU C 174 -15.66 -25.52 0.08
CA LEU C 174 -14.36 -25.74 -0.54
C LEU C 174 -14.46 -26.66 -1.74
N THR C 175 -15.51 -27.48 -1.81
CA THR C 175 -15.77 -28.34 -2.96
C THR C 175 -17.26 -28.49 -3.13
N GLY C 176 -17.69 -28.76 -4.36
CA GLY C 176 -19.09 -28.98 -4.64
C GLY C 176 -19.94 -27.73 -4.75
N GLY C 177 -19.32 -26.55 -4.74
CA GLY C 177 -20.06 -25.31 -4.81
C GLY C 177 -20.36 -24.89 -6.24
N GLU C 178 -21.04 -23.76 -6.37
CA GLU C 178 -21.39 -23.23 -7.68
C GLU C 178 -20.20 -22.54 -8.34
N ARG C 179 -19.38 -21.85 -7.55
CA ARG C 179 -18.29 -21.04 -8.06
C ARG C 179 -16.98 -21.42 -7.39
N PRO C 180 -15.84 -21.10 -8.00
CA PRO C 180 -14.56 -21.36 -7.35
C PRO C 180 -14.41 -20.49 -6.11
N PRO C 181 -14.14 -21.08 -4.94
CA PRO C 181 -14.14 -20.27 -3.71
C PRO C 181 -13.17 -19.09 -3.75
N PHE C 182 -11.96 -19.31 -4.26
CA PHE C 182 -10.93 -18.28 -4.21
C PHE C 182 -11.14 -17.19 -5.25
N GLU C 183 -12.00 -17.42 -6.25
CA GLU C 183 -12.51 -16.31 -7.05
C GLU C 183 -13.58 -15.54 -6.29
N VAL C 184 -14.36 -16.23 -5.45
CA VAL C 184 -15.31 -15.52 -4.59
C VAL C 184 -14.55 -14.77 -3.51
N LEU C 185 -13.53 -15.39 -2.91
CA LEU C 185 -12.76 -14.70 -1.88
C LEU C 185 -12.02 -13.51 -2.46
N ALA C 186 -11.41 -13.68 -3.63
CA ALA C 186 -10.71 -12.57 -4.28
C ALA C 186 -11.67 -11.43 -4.61
N GLU C 187 -12.92 -11.75 -4.96
CA GLU C 187 -13.89 -10.71 -5.24
C GLU C 187 -14.23 -9.93 -3.98
N ARG C 188 -14.33 -10.62 -2.84
CA ARG C 188 -14.51 -9.94 -1.57
C ARG C 188 -13.28 -9.11 -1.23
N LEU C 189 -12.09 -9.63 -1.55
CA LEU C 189 -10.86 -8.94 -1.18
C LEU C 189 -10.62 -7.71 -2.04
N THR C 190 -10.81 -7.82 -3.35
CA THR C 190 -10.70 -6.66 -4.22
C THR C 190 -11.83 -5.66 -3.97
N ASP C 191 -12.91 -6.11 -3.33
CA ASP C 191 -13.99 -5.23 -2.91
C ASP C 191 -13.71 -4.57 -1.56
N ASN C 192 -12.47 -4.64 -1.08
CA ASN C 192 -12.08 -4.03 0.19
C ASN C 192 -12.88 -4.62 1.36
N ARG C 193 -12.88 -5.94 1.44
CA ARG C 193 -13.59 -6.64 2.51
C ARG C 193 -12.69 -7.69 3.14
N PRO C 194 -12.97 -8.07 4.39
CA PRO C 194 -12.15 -9.07 5.09
C PRO C 194 -12.63 -10.49 4.87
N ILE C 195 -11.67 -11.39 4.73
CA ILE C 195 -11.93 -12.83 4.69
C ILE C 195 -11.15 -13.49 5.82
N CYS C 196 -11.67 -14.62 6.30
CA CYS C 196 -11.06 -15.37 7.38
C CYS C 196 -10.80 -16.80 6.93
N LEU C 197 -9.56 -17.25 7.09
CA LEU C 197 -9.11 -18.55 6.61
C LEU C 197 -8.33 -19.25 7.72
N MET C 198 -8.75 -20.48 8.05
CA MET C 198 -7.97 -21.34 8.94
C MET C 198 -6.81 -21.89 8.11
N ALA C 199 -5.59 -21.42 8.39
CA ALA C 199 -4.51 -21.47 7.41
C ALA C 199 -3.25 -22.11 7.96
N GLU C 200 -3.37 -23.13 8.81
CA GLU C 200 -2.20 -23.84 9.30
C GLU C 200 -2.21 -25.33 8.96
N ARG C 201 -3.20 -25.80 8.21
CA ARG C 201 -3.28 -27.24 7.91
C ARG C 201 -3.91 -27.44 6.55
N ASP C 202 -3.20 -28.17 5.68
CA ASP C 202 -3.73 -28.59 4.39
C ASP C 202 -2.82 -29.68 3.83
N LEU C 203 -3.06 -30.93 4.23
CA LEU C 203 -2.18 -32.05 3.93
C LEU C 203 -2.51 -32.75 2.61
N THR C 204 -2.78 -31.98 1.54
CA THR C 204 -2.97 -32.56 0.22
C THR C 204 -1.71 -32.37 -0.61
N ARG C 205 -1.71 -32.93 -1.82
CA ARG C 205 -0.55 -32.79 -2.70
C ARG C 205 -0.30 -31.34 -3.07
N SER C 206 -1.32 -30.49 -3.03
CA SER C 206 -1.20 -29.11 -3.45
C SER C 206 -1.01 -28.14 -2.28
N GLY C 207 -0.75 -28.66 -1.08
CA GLY C 207 -0.47 -27.81 0.06
C GLY C 207 0.98 -27.36 0.06
N VAL C 208 1.21 -26.20 0.67
CA VAL C 208 2.55 -25.62 0.73
C VAL C 208 3.31 -26.22 1.90
N GLN C 209 4.38 -26.95 1.61
CA GLN C 209 5.22 -27.50 2.65
C GLN C 209 6.03 -26.39 3.31
N VAL C 210 6.11 -26.43 4.64
CA VAL C 210 6.79 -25.39 5.40
C VAL C 210 7.44 -26.00 6.63
N ASP C 211 8.38 -25.26 7.21
CA ASP C 211 8.95 -25.63 8.50
C ASP C 211 7.99 -25.19 9.60
N PHE C 212 7.75 -26.08 10.57
CA PHE C 212 6.78 -25.79 11.63
C PHE C 212 7.28 -26.48 12.89
N PHE C 213 7.87 -25.70 13.80
CA PHE C 213 8.49 -26.23 15.01
C PHE C 213 9.63 -27.19 14.68
N GLY C 214 10.35 -26.90 13.60
CA GLY C 214 11.52 -27.68 13.25
C GLY C 214 11.25 -28.93 12.45
N GLU C 215 10.00 -29.20 12.08
CA GLU C 215 9.64 -30.40 11.34
C GLU C 215 8.72 -30.03 10.17
N ALA C 216 8.64 -30.93 9.20
CA ALA C 216 7.97 -30.66 7.93
C ALA C 216 6.46 -30.82 8.07
N THR C 217 5.72 -29.80 7.65
CA THR C 217 4.27 -29.87 7.55
C THR C 217 3.81 -29.28 6.21
N ARG C 218 2.50 -29.16 6.02
CA ARG C 218 1.91 -28.54 4.84
C ARG C 218 0.82 -27.57 5.27
N MET C 219 0.83 -26.38 4.69
CA MET C 219 -0.18 -25.37 4.99
C MET C 219 -0.82 -24.87 3.69
N PRO C 220 -2.06 -24.39 3.75
CA PRO C 220 -2.73 -23.96 2.53
C PRO C 220 -2.09 -22.71 1.92
N ALA C 221 -2.11 -22.66 0.59
CA ALA C 221 -1.61 -21.52 -0.16
C ALA C 221 -2.63 -20.41 -0.32
N GLY C 222 -3.89 -20.64 0.04
CA GLY C 222 -4.96 -19.68 -0.19
C GLY C 222 -4.61 -18.28 0.26
N PRO C 223 -4.22 -18.12 1.53
CA PRO C 223 -3.93 -16.77 2.03
C PRO C 223 -2.85 -16.06 1.23
N ALA C 224 -1.74 -16.73 0.93
CA ALA C 224 -0.67 -16.09 0.17
C ALA C 224 -1.11 -15.80 -1.26
N LYS C 225 -1.82 -16.74 -1.88
CA LYS C 225 -2.27 -16.56 -3.25
C LYS C 225 -3.21 -15.37 -3.37
N LEU C 226 -4.04 -15.14 -2.34
CA LEU C 226 -5.00 -14.06 -2.36
C LEU C 226 -4.38 -12.72 -2.03
N ALA C 227 -3.35 -12.69 -1.17
CA ALA C 227 -2.69 -11.44 -0.85
C ALA C 227 -1.89 -10.91 -2.04
N ILE C 228 -1.28 -11.81 -2.82
CA ILE C 228 -0.57 -11.39 -4.02
C ILE C 228 -1.55 -10.92 -5.08
N GLU C 229 -2.47 -11.79 -5.48
CA GLU C 229 -3.34 -11.52 -6.62
C GLU C 229 -4.18 -10.28 -6.41
N THR C 230 -4.52 -9.95 -5.16
CA THR C 230 -5.39 -8.82 -4.86
C THR C 230 -4.67 -7.66 -4.21
N GLY C 231 -3.42 -7.84 -3.78
CA GLY C 231 -2.74 -6.82 -3.01
C GLY C 231 -3.26 -6.66 -1.61
N ALA C 232 -4.14 -7.56 -1.17
CA ALA C 232 -4.72 -7.48 0.16
C ALA C 232 -3.67 -7.63 1.24
N ALA C 233 -3.93 -7.01 2.39
CA ALA C 233 -3.05 -7.15 3.54
C ALA C 233 -3.21 -8.54 4.15
N LEU C 234 -2.09 -9.22 4.38
CA LEU C 234 -2.09 -10.58 4.91
C LEU C 234 -1.74 -10.50 6.39
N PHE C 235 -2.76 -10.64 7.25
CA PHE C 235 -2.58 -10.53 8.69
C PHE C 235 -2.56 -11.90 9.33
N PRO C 236 -1.51 -12.28 10.04
CA PRO C 236 -1.61 -13.43 10.95
C PRO C 236 -2.44 -13.09 12.17
N VAL C 237 -3.28 -14.03 12.60
CA VAL C 237 -4.17 -13.84 13.72
C VAL C 237 -4.09 -15.06 14.63
N HIS C 238 -4.29 -14.84 15.93
CA HIS C 238 -4.27 -15.91 16.90
C HIS C 238 -5.38 -15.72 17.91
N CYS C 239 -6.05 -16.81 18.26
CA CYS C 239 -7.07 -16.84 19.29
C CYS C 239 -6.66 -17.84 20.36
N TRP C 240 -6.98 -17.51 21.61
CA TRP C 240 -6.66 -18.38 22.74
C TRP C 240 -7.70 -18.16 23.82
N PHE C 241 -7.58 -18.92 24.91
CA PHE C 241 -8.50 -18.83 26.04
C PHE C 241 -7.81 -18.05 27.16
N GLU C 242 -8.33 -16.87 27.48
CA GLU C 242 -7.74 -16.00 28.49
C GLU C 242 -8.56 -16.15 29.77
N GLY C 243 -8.24 -17.19 30.53
CA GLY C 243 -9.00 -17.48 31.73
C GLY C 243 -10.36 -18.02 31.36
N ASP C 244 -11.40 -17.43 31.92
CA ASP C 244 -12.78 -17.73 31.53
C ASP C 244 -13.22 -16.88 30.35
N GLY C 245 -12.32 -16.07 29.79
CA GLY C 245 -12.61 -15.23 28.66
C GLY C 245 -11.95 -15.72 27.38
N TRP C 246 -11.88 -14.84 26.39
CA TRP C 246 -11.33 -15.16 25.09
C TRP C 246 -10.31 -14.11 24.67
N GLY C 247 -9.12 -14.57 24.32
CA GLY C 247 -8.05 -13.70 23.86
C GLY C 247 -7.89 -13.79 22.35
N MET C 248 -7.72 -12.63 21.72
CA MET C 248 -7.60 -12.52 20.28
C MET C 248 -6.59 -11.44 19.96
N ARG C 249 -5.86 -11.61 18.85
CA ARG C 249 -4.79 -10.70 18.51
C ARG C 249 -4.55 -10.69 17.01
N VAL C 250 -4.28 -9.50 16.47
CA VAL C 250 -3.86 -9.32 15.09
C VAL C 250 -2.37 -9.00 15.10
N TYR C 251 -1.61 -9.66 14.25
CA TYR C 251 -0.17 -9.50 14.18
C TYR C 251 0.23 -8.72 12.94
N PRO C 252 1.45 -8.16 12.91
CA PRO C 252 1.86 -7.35 11.77
C PRO C 252 1.65 -8.09 10.45
N GLU C 253 1.20 -7.37 9.43
CA GLU C 253 0.97 -8.01 8.15
C GLU C 253 2.30 -8.46 7.56
N LEU C 254 2.27 -9.58 6.86
CA LEU C 254 3.49 -10.15 6.32
C LEU C 254 3.91 -9.43 5.04
N ASP C 255 5.19 -9.54 4.73
CA ASP C 255 5.78 -8.91 3.55
C ASP C 255 5.54 -9.79 2.33
N THR C 256 4.69 -9.33 1.42
CA THR C 256 4.41 -10.02 0.17
C THR C 256 5.27 -9.49 -0.98
N SER C 257 6.39 -8.83 -0.67
CA SER C 257 7.24 -8.28 -1.72
C SER C 257 7.78 -9.36 -2.63
N SER C 258 8.15 -10.51 -2.06
CA SER C 258 8.79 -11.56 -2.85
C SER C 258 7.85 -12.12 -3.91
N GLY C 259 6.54 -12.04 -3.69
CA GLY C 259 5.61 -12.71 -4.58
C GLY C 259 5.72 -14.21 -4.56
N ASP C 260 6.47 -14.77 -3.61
CA ASP C 260 6.67 -16.21 -3.50
C ASP C 260 5.64 -16.79 -2.54
N VAL C 261 4.79 -17.68 -3.06
CA VAL C 261 3.75 -18.28 -2.23
C VAL C 261 4.37 -19.08 -1.10
N THR C 262 5.49 -19.75 -1.37
CA THR C 262 6.15 -20.55 -0.34
C THR C 262 6.76 -19.67 0.75
N ALA C 263 7.50 -18.64 0.34
CA ALA C 263 8.16 -17.78 1.33
C ALA C 263 7.15 -17.11 2.25
N ILE C 264 5.99 -16.74 1.72
CA ILE C 264 4.97 -16.07 2.53
C ILE C 264 4.36 -17.07 3.51
N THR C 265 4.00 -18.26 3.01
CA THR C 265 3.42 -19.28 3.87
C THR C 265 4.39 -19.73 4.95
N GLN C 266 5.70 -19.73 4.65
CA GLN C 266 6.69 -20.05 5.66
C GLN C 266 6.73 -19.00 6.76
N ALA C 267 6.68 -17.73 6.39
CA ALA C 267 6.59 -16.68 7.40
C ALA C 267 5.29 -16.80 8.19
N LEU C 268 4.22 -17.24 7.54
CA LEU C 268 2.97 -17.48 8.25
C LEU C 268 3.11 -18.63 9.24
N ALA C 269 3.77 -19.71 8.84
CA ALA C 269 3.97 -20.84 9.74
C ALA C 269 4.83 -20.44 10.94
N ASP C 270 5.88 -19.65 10.71
CA ASP C 270 6.72 -19.20 11.81
C ASP C 270 5.91 -18.41 12.82
N ARG C 271 5.00 -17.57 12.33
CA ARG C 271 4.13 -16.80 13.23
C ARG C 271 3.18 -17.71 13.98
N PHE C 272 2.59 -18.69 13.30
CA PHE C 272 1.70 -19.63 13.98
C PHE C 272 2.46 -20.41 15.04
N ALA C 273 3.66 -20.88 14.72
CA ALA C 273 4.47 -21.59 15.72
C ALA C 273 4.82 -20.67 16.88
N ALA C 274 5.09 -19.40 16.59
CA ALA C 274 5.43 -18.44 17.65
C ALA C 274 4.23 -18.19 18.56
N ASN C 275 3.03 -18.13 17.99
CA ASN C 275 1.83 -17.89 18.80
C ASN C 275 1.42 -19.14 19.57
N ILE C 276 1.47 -20.30 18.91
CA ILE C 276 1.14 -21.55 19.59
C ILE C 276 2.08 -21.77 20.78
N ALA C 277 3.34 -21.34 20.65
CA ALA C 277 4.29 -21.54 21.73
C ALA C 277 3.89 -20.80 23.00
N THR C 278 3.14 -19.70 22.88
CA THR C 278 2.70 -18.99 24.07
C THR C 278 1.46 -19.64 24.69
N TYR C 279 0.55 -20.12 23.85
CA TYR C 279 -0.68 -20.78 24.31
C TYR C 279 -0.72 -22.18 23.72
N PRO C 280 0.20 -23.06 24.12
CA PRO C 280 0.25 -24.39 23.51
C PRO C 280 -0.98 -25.24 23.81
N ALA C 281 -1.59 -25.05 24.98
CA ALA C 281 -2.76 -25.84 25.35
C ALA C 281 -4.01 -25.41 24.60
N ASP C 282 -4.05 -24.19 24.08
CA ASP C 282 -5.23 -23.63 23.43
C ASP C 282 -5.29 -23.97 21.94
N TRP C 283 -4.39 -24.81 21.44
CA TRP C 283 -4.32 -25.19 20.04
C TRP C 283 -4.94 -26.58 19.87
N HIS C 284 -6.14 -26.65 19.30
CA HIS C 284 -6.88 -27.90 19.20
C HIS C 284 -6.46 -28.65 17.94
N MET C 285 -5.24 -29.18 17.97
CA MET C 285 -4.74 -30.03 16.89
C MET C 285 -4.59 -31.44 17.43
N LEU C 286 -5.69 -32.18 17.42
CA LEU C 286 -5.69 -33.58 17.79
C LEU C 286 -5.54 -34.51 16.60
N GLN C 287 -5.65 -33.97 15.38
CA GLN C 287 -5.45 -34.73 14.15
C GLN C 287 -3.98 -34.70 13.74
N PRO C 288 -3.54 -35.62 12.88
CA PRO C 288 -2.16 -35.55 12.37
C PRO C 288 -1.91 -34.22 11.69
N GLN C 289 -0.82 -33.56 12.08
CA GLN C 289 -0.44 -32.25 11.56
C GLN C 289 0.76 -32.31 10.63
N TRP C 290 1.82 -33.01 11.01
CA TRP C 290 3.05 -33.04 10.24
C TRP C 290 3.03 -34.17 9.22
N ILE C 291 3.73 -33.92 8.11
CA ILE C 291 3.71 -34.84 6.97
C ILE C 291 4.11 -36.25 7.42
N ALA C 292 5.11 -36.34 8.30
CA ALA C 292 5.65 -37.63 8.69
C ALA C 292 4.61 -38.49 9.42
N ASP C 293 3.62 -37.86 10.05
CA ASP C 293 2.63 -38.57 10.85
C ASP C 293 1.58 -39.31 10.02
N LEU C 294 1.76 -39.41 8.72
CA LEU C 294 0.80 -40.12 7.86
C LEU C 294 1.30 -41.52 7.54
N GLY D 40 7.57 -0.52 -12.48
CA GLY D 40 8.86 -0.99 -11.99
C GLY D 40 9.17 -2.41 -12.43
N ALA D 41 8.51 -3.39 -11.81
CA ALA D 41 8.71 -4.78 -12.21
C ALA D 41 8.01 -5.09 -13.52
N ARG D 42 6.92 -4.39 -13.83
CA ARG D 42 6.26 -4.58 -15.11
C ARG D 42 7.21 -4.29 -16.26
N TYR D 43 8.04 -3.25 -16.12
CA TYR D 43 9.01 -2.93 -17.16
C TYR D 43 10.16 -3.93 -17.17
N ALA D 44 10.75 -4.20 -16.01
CA ALA D 44 11.85 -5.15 -15.93
C ALA D 44 11.45 -6.49 -16.52
N ALA D 45 10.24 -6.96 -16.21
CA ALA D 45 9.76 -8.22 -16.77
C ALA D 45 9.69 -8.19 -18.29
N ARG D 46 9.62 -6.99 -18.89
CA ARG D 46 9.63 -6.85 -20.34
C ARG D 46 10.92 -6.19 -20.84
N ASN D 47 12.00 -6.28 -20.08
CA ASN D 47 13.32 -5.85 -20.50
C ASN D 47 14.15 -7.09 -20.85
N GLY D 48 15.46 -6.93 -21.00
CA GLY D 48 16.30 -8.12 -21.02
C GLY D 48 17.69 -7.96 -21.62
N GLY D 49 17.86 -8.36 -22.87
CA GLY D 49 19.16 -8.36 -23.52
C GLY D 49 19.75 -9.75 -23.44
N PRO D 50 20.92 -9.97 -24.03
CA PRO D 50 21.51 -11.31 -23.98
C PRO D 50 21.92 -11.74 -22.58
N GLU D 51 22.20 -10.80 -21.68
CA GLU D 51 22.58 -11.16 -20.31
C GLU D 51 21.43 -11.85 -19.60
N GLN D 52 20.20 -11.37 -19.79
CA GLN D 52 19.05 -12.04 -19.18
C GLN D 52 18.83 -13.42 -19.78
N LEU D 53 19.19 -13.60 -21.05
CA LEU D 53 19.08 -14.92 -21.66
C LEU D 53 20.01 -15.91 -20.98
N ARG D 54 21.25 -15.50 -20.71
CA ARG D 54 22.19 -16.38 -20.01
C ARG D 54 21.64 -16.75 -18.63
N ARG D 55 21.01 -15.78 -17.94
CA ARG D 55 20.45 -16.05 -16.62
C ARG D 55 19.27 -17.02 -16.68
N ASN D 56 18.51 -17.02 -17.77
CA ASN D 56 17.40 -17.95 -17.91
C ASN D 56 17.90 -19.34 -18.23
N LEU D 57 18.84 -19.44 -19.17
CA LEU D 57 19.47 -20.72 -19.48
C LEU D 57 20.20 -21.30 -18.27
N ALA D 58 20.58 -20.45 -17.31
CA ALA D 58 21.21 -20.94 -16.09
C ALA D 58 20.33 -21.97 -15.39
N ARG D 59 19.01 -21.72 -15.35
CA ARG D 59 18.09 -22.68 -14.75
C ARG D 59 17.94 -23.92 -15.62
N VAL D 60 17.94 -23.75 -16.95
CA VAL D 60 17.69 -24.87 -17.84
C VAL D 60 18.77 -25.93 -17.68
N VAL D 61 20.03 -25.51 -17.61
CA VAL D 61 21.15 -26.45 -17.44
C VAL D 61 21.55 -26.63 -15.99
N GLY D 62 21.08 -25.76 -15.10
CA GLY D 62 21.40 -25.90 -13.68
C GLY D 62 22.80 -25.46 -13.33
N LYS D 63 23.25 -24.33 -13.85
CA LYS D 63 24.56 -23.79 -13.55
C LYS D 63 24.44 -22.27 -13.47
N PRO D 64 25.39 -21.60 -12.80
CA PRO D 64 25.33 -20.14 -12.72
C PRO D 64 25.48 -19.51 -14.10
N PRO D 65 25.04 -18.26 -14.27
CA PRO D 65 25.10 -17.64 -15.60
C PRO D 65 26.47 -17.72 -16.26
N ALA D 66 27.54 -17.51 -15.49
CA ALA D 66 28.88 -17.49 -16.07
C ALA D 66 29.33 -18.86 -16.56
N ASP D 67 28.71 -19.94 -16.09
CA ASP D 67 29.08 -21.29 -16.48
C ASP D 67 28.23 -21.85 -17.62
N VAL D 68 27.28 -21.08 -18.13
CA VAL D 68 26.47 -21.55 -19.27
C VAL D 68 27.36 -21.67 -20.51
N PRO D 69 27.35 -22.80 -21.23
CA PRO D 69 28.22 -22.92 -22.40
C PRO D 69 28.00 -21.78 -23.38
N ASP D 70 29.10 -21.17 -23.83
CA ASP D 70 29.00 -20.09 -24.79
C ASP D 70 28.35 -20.55 -26.09
N ASP D 71 28.53 -21.82 -26.45
CA ASP D 71 27.91 -22.34 -27.67
C ASP D 71 26.40 -22.41 -27.55
N LEU D 72 25.88 -22.64 -26.34
CA LEU D 72 24.44 -22.67 -26.15
C LEU D 72 23.84 -21.27 -26.24
N ILE D 73 24.53 -20.28 -25.67
CA ILE D 73 24.06 -18.90 -25.80
C ILE D 73 24.02 -18.52 -27.28
N ARG D 74 25.08 -18.87 -28.02
CA ARG D 74 25.09 -18.62 -29.46
C ARG D 74 24.00 -19.41 -30.15
N ALA D 75 23.79 -20.67 -29.74
CA ALA D 75 22.71 -21.46 -30.30
C ALA D 75 21.36 -20.85 -29.99
N SER D 76 21.22 -20.24 -28.81
CA SER D 76 19.97 -19.59 -28.46
C SER D 76 19.78 -18.30 -29.25
N LEU D 77 20.85 -17.50 -29.37
CA LEU D 77 20.78 -16.29 -30.17
C LEU D 77 20.54 -16.61 -31.65
N ALA D 78 21.19 -17.66 -32.16
CA ALA D 78 20.97 -18.05 -33.54
C ALA D 78 19.54 -18.53 -33.76
N SER D 79 18.99 -19.26 -32.79
CA SER D 79 17.59 -19.66 -32.87
C SER D 79 16.67 -18.45 -32.78
N TYR D 80 16.96 -17.54 -31.85
CA TYR D 80 16.15 -16.33 -31.69
C TYR D 80 16.12 -15.51 -32.97
N ALA D 81 17.28 -15.35 -33.62
CA ALA D 81 17.32 -14.61 -34.89
C ALA D 81 16.50 -15.31 -35.96
N ARG D 82 16.51 -16.65 -35.97
CA ARG D 82 15.80 -17.39 -36.99
C ARG D 82 14.29 -17.17 -36.90
N TYR D 83 13.76 -17.12 -35.68
CA TYR D 83 12.33 -16.91 -35.51
C TYR D 83 11.88 -15.63 -36.21
N TRP D 84 12.61 -14.52 -36.00
CA TRP D 84 12.22 -13.25 -36.59
C TRP D 84 12.43 -13.25 -38.10
N ARG D 85 13.52 -13.83 -38.58
CA ARG D 85 13.72 -13.91 -40.02
C ARG D 85 12.62 -14.70 -40.69
N GLU D 86 12.10 -15.72 -40.02
CA GLU D 86 10.99 -16.49 -40.58
C GLU D 86 9.67 -15.75 -40.40
N ALA D 87 9.46 -15.13 -39.23
CA ALA D 87 8.24 -14.38 -39.01
C ALA D 87 8.08 -13.25 -40.02
N PHE D 88 9.19 -12.66 -40.46
CA PHE D 88 9.11 -11.61 -41.48
C PHE D 88 8.64 -12.18 -42.81
N ARG D 89 9.23 -13.29 -43.26
CA ARG D 89 8.92 -13.83 -44.57
C ARG D 89 7.82 -14.88 -44.54
N LEU D 90 7.34 -15.24 -43.34
CA LEU D 90 6.32 -16.27 -43.23
C LEU D 90 5.05 -15.94 -44.00
N PRO D 91 4.50 -14.73 -43.96
CA PRO D 91 3.23 -14.47 -44.65
C PRO D 91 3.29 -14.65 -46.16
N ALA D 92 4.48 -14.72 -46.76
CA ALA D 92 4.62 -14.78 -48.21
C ALA D 92 4.97 -16.17 -48.74
N MET D 93 5.18 -17.14 -47.86
CA MET D 93 5.64 -18.45 -48.28
C MET D 93 4.46 -19.34 -48.73
N ASP D 94 4.80 -20.49 -49.30
CA ASP D 94 3.81 -21.45 -49.78
C ASP D 94 3.25 -22.20 -48.57
N HIS D 95 2.11 -21.73 -48.06
CA HIS D 95 1.51 -22.36 -46.89
C HIS D 95 0.93 -23.72 -47.23
N GLY D 96 0.48 -23.92 -48.47
CA GLY D 96 0.04 -25.24 -48.88
C GLY D 96 1.15 -26.26 -48.85
N ARG D 97 2.35 -25.85 -49.27
CA ARG D 97 3.52 -26.73 -49.20
C ARG D 97 3.89 -27.01 -47.75
N LEU D 98 3.92 -25.98 -46.91
CA LEU D 98 4.35 -26.14 -45.53
C LEU D 98 3.47 -27.14 -44.78
N GLY D 99 2.15 -27.05 -44.97
CA GLY D 99 1.26 -27.93 -44.25
C GLY D 99 1.36 -29.39 -44.65
N GLU D 100 1.71 -29.64 -45.91
CA GLU D 100 1.82 -31.01 -46.39
C GLU D 100 3.18 -31.63 -46.09
N GLN D 101 4.22 -30.82 -45.92
CA GLN D 101 5.57 -31.33 -45.72
C GLN D 101 6.00 -31.34 -44.27
N LEU D 102 5.41 -30.49 -43.43
CA LEU D 102 5.65 -30.53 -42.00
C LEU D 102 4.67 -31.47 -41.32
N ASP D 103 5.15 -32.16 -40.29
CA ASP D 103 4.34 -33.10 -39.52
C ASP D 103 4.38 -32.71 -38.05
N VAL D 104 3.41 -33.21 -37.30
CA VAL D 104 3.31 -32.97 -35.86
C VAL D 104 3.24 -34.33 -35.18
N ILE D 105 4.22 -34.62 -34.33
CA ILE D 105 4.27 -35.91 -33.64
C ILE D 105 3.04 -36.06 -32.75
N ASP D 106 2.37 -37.20 -32.87
CA ASP D 106 1.21 -37.52 -32.05
C ASP D 106 0.09 -36.52 -32.24
N ILE D 107 -0.05 -36.00 -33.47
CA ILE D 107 -1.15 -35.08 -33.75
C ILE D 107 -2.48 -35.79 -33.54
N ASP D 108 -2.51 -37.11 -33.70
CA ASP D 108 -3.75 -37.86 -33.52
C ASP D 108 -4.35 -37.63 -32.13
N HIS D 109 -3.52 -37.26 -31.15
CA HIS D 109 -4.04 -36.83 -29.86
C HIS D 109 -5.06 -35.72 -30.02
N LEU D 110 -4.77 -34.76 -30.90
CA LEU D 110 -5.66 -33.63 -31.11
C LEU D 110 -6.90 -34.03 -31.92
N TRP D 111 -6.71 -34.82 -32.96
CA TRP D 111 -7.84 -35.23 -33.81
C TRP D 111 -8.87 -36.01 -32.99
N SER D 112 -8.42 -37.05 -32.28
CA SER D 112 -9.36 -37.90 -31.56
C SER D 112 -10.15 -37.12 -30.52
N ALA D 113 -9.54 -36.11 -29.90
CA ALA D 113 -10.27 -35.30 -28.93
C ALA D 113 -11.25 -34.36 -29.61
N LEU D 114 -10.91 -33.85 -30.79
CA LEU D 114 -11.86 -33.06 -31.56
C LEU D 114 -12.85 -33.95 -32.30
N ASP D 115 -12.45 -35.17 -32.67
CA ASP D 115 -13.41 -36.15 -33.17
C ASP D 115 -14.36 -36.59 -32.07
N ALA D 116 -13.96 -36.45 -30.81
CA ALA D 116 -14.82 -36.77 -29.68
C ALA D 116 -15.76 -35.62 -29.32
N GLY D 117 -15.63 -34.48 -29.99
CA GLY D 117 -16.52 -33.36 -29.77
C GLY D 117 -16.24 -32.53 -28.54
N ARG D 118 -15.04 -32.62 -27.97
CA ARG D 118 -14.73 -31.93 -26.73
C ARG D 118 -14.09 -30.56 -26.93
N GLY D 119 -13.49 -30.31 -28.09
CA GLY D 119 -12.59 -29.20 -28.24
C GLY D 119 -11.21 -29.56 -27.73
N ALA D 120 -10.28 -28.62 -27.87
CA ALA D 120 -8.91 -28.88 -27.47
C ALA D 120 -8.21 -27.56 -27.17
N VAL D 121 -7.44 -27.54 -26.09
CA VAL D 121 -6.58 -26.42 -25.73
C VAL D 121 -5.16 -26.82 -26.04
N LEU D 122 -4.51 -26.05 -26.92
CA LEU D 122 -3.11 -26.28 -27.26
C LEU D 122 -2.26 -25.26 -26.52
N ALA D 123 -1.52 -25.73 -25.51
CA ALA D 123 -0.69 -24.87 -24.67
C ALA D 123 0.77 -25.21 -24.93
N LEU D 124 1.54 -24.21 -25.35
CA LEU D 124 2.92 -24.40 -25.76
C LEU D 124 3.78 -23.28 -25.20
N PRO D 125 5.07 -23.50 -25.05
CA PRO D 125 5.98 -22.43 -24.63
C PRO D 125 6.54 -21.66 -25.82
N HIS D 126 7.18 -20.54 -25.51
CA HIS D 126 7.80 -19.71 -26.54
C HIS D 126 9.05 -20.37 -27.09
N SER D 127 8.89 -21.48 -27.82
CA SER D 127 10.01 -22.21 -28.37
C SER D 127 9.86 -22.33 -29.89
N GLY D 128 11.01 -22.38 -30.57
CA GLY D 128 11.00 -22.52 -32.01
C GLY D 128 10.20 -21.42 -32.67
N ASN D 129 9.47 -21.78 -33.72
CA ASN D 129 8.58 -20.86 -34.43
C ASN D 129 7.16 -21.37 -34.26
N TRP D 130 6.41 -20.73 -33.37
CA TRP D 130 5.02 -21.07 -33.15
C TRP D 130 4.10 -20.47 -34.19
N ASP D 131 4.53 -19.40 -34.87
CA ASP D 131 3.76 -18.86 -35.98
C ASP D 131 3.80 -19.79 -37.18
N MET D 132 4.90 -20.52 -37.36
CA MET D 132 4.95 -21.55 -38.40
C MET D 132 4.07 -22.74 -38.03
N ALA D 133 4.00 -23.07 -36.74
CA ALA D 133 3.16 -24.18 -36.29
C ALA D 133 1.67 -23.83 -36.46
N GLY D 134 1.30 -22.58 -36.20
CA GLY D 134 -0.07 -22.18 -36.41
C GLY D 134 -0.50 -22.30 -37.86
N VAL D 135 0.37 -21.88 -38.78
CA VAL D 135 0.10 -22.06 -40.21
C VAL D 135 -0.21 -23.52 -40.49
N TRP D 136 0.55 -24.44 -39.89
CA TRP D 136 0.30 -25.86 -40.09
C TRP D 136 -1.11 -26.23 -39.66
N LEU D 137 -1.59 -25.68 -38.55
CA LEU D 137 -2.94 -25.98 -38.09
C LEU D 137 -3.98 -25.33 -38.99
N VAL D 138 -3.69 -24.14 -39.50
CA VAL D 138 -4.62 -23.46 -40.40
C VAL D 138 -4.86 -24.28 -41.65
N GLN D 139 -3.81 -24.95 -42.15
CA GLN D 139 -3.93 -25.72 -43.38
C GLN D 139 -4.45 -27.13 -43.15
N ASN D 140 -4.11 -27.76 -42.03
CA ASN D 140 -4.50 -29.13 -41.76
C ASN D 140 -5.81 -29.24 -40.95
N TYR D 141 -6.26 -28.14 -40.34
CA TYR D 141 -7.55 -28.14 -39.66
C TYR D 141 -8.35 -26.93 -40.12
N GLY D 142 -7.78 -25.74 -39.93
CA GLY D 142 -8.44 -24.51 -40.28
C GLY D 142 -8.13 -23.40 -39.29
N PRO D 143 -8.71 -22.21 -39.53
CA PRO D 143 -8.45 -21.09 -38.63
C PRO D 143 -8.78 -21.43 -37.18
N PHE D 144 -7.92 -21.00 -36.28
CA PHE D 144 -8.11 -21.17 -34.84
C PHE D 144 -8.05 -19.82 -34.14
N THR D 145 -8.39 -19.83 -32.85
CA THR D 145 -8.46 -18.62 -32.05
C THR D 145 -7.38 -18.62 -30.98
N THR D 146 -6.86 -17.44 -30.68
CA THR D 146 -5.85 -17.24 -29.65
C THR D 146 -5.98 -15.82 -29.12
N VAL D 147 -5.19 -15.51 -28.09
CA VAL D 147 -5.21 -14.20 -27.46
C VAL D 147 -3.89 -13.50 -27.72
N ALA D 148 -3.93 -12.18 -27.76
CA ALA D 148 -2.76 -11.35 -28.03
C ALA D 148 -2.66 -10.23 -27.00
N GLU D 149 -1.51 -10.13 -26.35
CA GLU D 149 -1.26 -9.00 -25.48
C GLU D 149 -1.30 -7.71 -26.28
N ARG D 150 -1.98 -6.69 -25.73
CA ARG D 150 -2.16 -5.43 -26.43
C ARG D 150 -0.92 -4.57 -26.24
N LEU D 151 0.00 -4.62 -27.21
CA LEU D 151 1.23 -3.86 -27.13
C LEU D 151 0.99 -2.41 -27.51
N LYS D 152 1.93 -1.56 -27.10
CA LYS D 152 1.93 -0.16 -27.49
C LYS D 152 3.16 0.13 -28.36
N PRO D 153 3.02 0.98 -29.39
CA PRO D 153 1.85 1.77 -29.81
C PRO D 153 0.74 0.93 -30.45
N GLU D 154 -0.44 1.55 -30.64
CA GLU D 154 -1.54 0.83 -31.26
C GLU D 154 -1.16 0.38 -32.68
N SER D 155 -0.40 1.21 -33.40
CA SER D 155 0.06 0.82 -34.73
C SER D 155 0.87 -0.47 -34.66
N LEU D 156 1.66 -0.64 -33.61
CA LEU D 156 2.41 -1.87 -33.42
C LEU D 156 1.47 -3.04 -33.19
N TYR D 157 0.47 -2.85 -32.33
CA TYR D 157 -0.52 -3.91 -32.07
C TYR D 157 -1.21 -4.32 -33.36
N ARG D 158 -1.64 -3.35 -34.17
CA ARG D 158 -2.31 -3.66 -35.42
C ARG D 158 -1.41 -4.48 -36.34
N ARG D 159 -0.11 -4.19 -36.33
CA ARG D 159 0.82 -4.91 -37.20
CA ARG D 159 0.82 -4.90 -37.20
C ARG D 159 0.79 -6.40 -36.91
N PHE D 160 0.75 -6.79 -35.64
CA PHE D 160 0.75 -8.20 -35.28
C PHE D 160 -0.59 -8.86 -35.59
N VAL D 161 -1.70 -8.15 -35.40
CA VAL D 161 -3.00 -8.69 -35.77
C VAL D 161 -2.99 -9.03 -37.26
N GLU D 162 -2.63 -8.05 -38.08
CA GLU D 162 -2.50 -8.29 -39.53
C GLU D 162 -1.60 -9.48 -39.79
N TYR D 163 -0.42 -9.50 -39.15
CA TYR D 163 0.52 -10.59 -39.38
C TYR D 163 -0.10 -11.95 -39.10
N ARG D 164 -0.65 -12.13 -37.90
CA ARG D 164 -1.17 -13.44 -37.52
C ARG D 164 -2.51 -13.75 -38.16
N GLU D 165 -3.34 -12.73 -38.41
CA GLU D 165 -4.57 -12.96 -39.15
C GLU D 165 -4.28 -13.31 -40.60
N SER D 166 -3.22 -12.74 -41.17
CA SER D 166 -2.80 -13.13 -42.52
C SER D 166 -2.27 -14.55 -42.57
N LEU D 167 -2.01 -15.16 -41.40
CA LEU D 167 -1.69 -16.58 -41.33
C LEU D 167 -2.92 -17.44 -41.16
N GLY D 168 -4.07 -16.84 -40.82
CA GLY D 168 -5.32 -17.54 -40.64
C GLY D 168 -5.76 -17.65 -39.20
N PHE D 169 -5.06 -17.02 -38.26
CA PHE D 169 -5.41 -17.08 -36.86
C PHE D 169 -6.46 -16.03 -36.53
N GLU D 170 -7.31 -16.33 -35.54
CA GLU D 170 -8.17 -15.34 -34.93
C GLU D 170 -7.47 -14.77 -33.71
N VAL D 171 -7.30 -13.45 -33.69
CA VAL D 171 -6.56 -12.76 -32.64
C VAL D 171 -7.55 -12.08 -31.72
N LEU D 172 -7.52 -12.44 -30.44
CA LEU D 172 -8.37 -11.81 -29.45
C LEU D 172 -7.55 -10.83 -28.61
N PRO D 173 -7.92 -9.56 -28.53
CA PRO D 173 -7.18 -8.62 -27.67
C PRO D 173 -7.34 -9.01 -26.21
N LEU D 174 -6.20 -9.25 -25.54
CA LEU D 174 -6.24 -9.60 -24.13
C LEU D 174 -6.88 -8.50 -23.30
N THR D 175 -6.84 -7.26 -23.78
CA THR D 175 -7.50 -6.14 -23.13
C THR D 175 -7.95 -5.15 -24.20
N GLY D 176 -8.99 -4.39 -23.88
CA GLY D 176 -9.48 -3.37 -24.80
C GLY D 176 -10.35 -3.90 -25.93
N GLY D 177 -10.71 -5.18 -25.90
CA GLY D 177 -11.51 -5.77 -26.96
C GLY D 177 -13.00 -5.57 -26.76
N GLU D 178 -13.77 -6.15 -27.68
CA GLU D 178 -15.22 -6.06 -27.60
C GLU D 178 -15.77 -7.00 -26.54
N ARG D 179 -15.20 -8.20 -26.41
CA ARG D 179 -15.70 -9.20 -25.48
C ARG D 179 -14.58 -9.70 -24.59
N PRO D 180 -14.91 -10.27 -23.44
CA PRO D 180 -13.87 -10.84 -22.55
C PRO D 180 -13.21 -12.05 -23.19
N PRO D 181 -11.87 -12.09 -23.25
CA PRO D 181 -11.21 -13.18 -24.00
C PRO D 181 -11.60 -14.58 -23.52
N PHE D 182 -11.49 -14.85 -22.22
CA PHE D 182 -11.79 -16.19 -21.72
C PHE D 182 -13.23 -16.59 -21.97
N GLU D 183 -14.13 -15.63 -22.16
CA GLU D 183 -15.51 -15.94 -22.51
C GLU D 183 -15.66 -16.21 -24.00
N VAL D 184 -14.85 -15.57 -24.83
CA VAL D 184 -14.85 -15.89 -26.26
C VAL D 184 -14.24 -17.27 -26.50
N LEU D 185 -13.12 -17.57 -25.83
CA LEU D 185 -12.46 -18.85 -26.01
C LEU D 185 -13.30 -20.00 -25.46
N ALA D 186 -13.90 -19.82 -24.29
CA ALA D 186 -14.70 -20.90 -23.70
C ALA D 186 -15.83 -21.32 -24.64
N GLU D 187 -16.38 -20.37 -25.39
CA GLU D 187 -17.42 -20.71 -26.37
C GLU D 187 -16.84 -21.54 -27.51
N ARG D 188 -15.60 -21.23 -27.92
CA ARG D 188 -14.94 -22.03 -28.96
C ARG D 188 -14.67 -23.44 -28.48
N LEU D 189 -14.32 -23.62 -27.20
CA LEU D 189 -13.97 -24.93 -26.70
C LEU D 189 -15.20 -25.82 -26.58
N THR D 190 -16.30 -25.29 -26.06
CA THR D 190 -17.54 -26.05 -26.05
C THR D 190 -18.08 -26.27 -27.46
N ASP D 191 -17.61 -25.49 -28.43
CA ASP D 191 -17.95 -25.66 -29.83
C ASP D 191 -17.04 -26.67 -30.54
N ASN D 192 -16.24 -27.44 -29.79
CA ASN D 192 -15.35 -28.44 -30.38
C ASN D 192 -14.36 -27.80 -31.36
N ARG D 193 -13.64 -26.79 -30.88
CA ARG D 193 -12.66 -26.09 -31.68
C ARG D 193 -11.35 -25.99 -30.94
N PRO D 194 -10.24 -25.83 -31.66
CA PRO D 194 -8.93 -25.71 -31.01
C PRO D 194 -8.56 -24.27 -30.71
N ILE D 195 -7.96 -24.07 -29.55
CA ILE D 195 -7.37 -22.79 -29.18
C ILE D 195 -5.90 -23.01 -28.87
N CYS D 196 -5.11 -21.97 -29.09
CA CYS D 196 -3.67 -22.03 -28.87
C CYS D 196 -3.28 -20.91 -27.90
N LEU D 197 -2.58 -21.29 -26.83
CA LEU D 197 -2.23 -20.36 -25.76
C LEU D 197 -0.75 -20.52 -25.43
N MET D 198 -0.01 -19.42 -25.47
CA MET D 198 1.36 -19.39 -24.99
C MET D 198 1.32 -19.40 -23.46
N ALA D 199 1.74 -20.51 -22.86
CA ALA D 199 1.30 -20.86 -21.52
C ALA D 199 2.44 -21.17 -20.57
N GLU D 200 3.58 -20.47 -20.67
CA GLU D 200 4.66 -20.66 -19.71
C GLU D 200 5.07 -19.37 -19.00
N ARG D 201 4.40 -18.25 -19.23
CA ARG D 201 4.81 -17.01 -18.59
C ARG D 201 3.61 -16.09 -18.38
N ASP D 202 3.44 -15.64 -17.14
CA ASP D 202 2.47 -14.62 -16.78
C ASP D 202 2.85 -14.08 -15.41
N LEU D 203 3.78 -13.13 -15.38
CA LEU D 203 4.36 -12.65 -14.12
C LEU D 203 3.57 -11.49 -13.54
N THR D 204 2.25 -11.57 -13.60
CA THR D 204 1.37 -10.59 -12.98
C THR D 204 0.79 -11.16 -11.69
N ARG D 205 0.00 -10.34 -10.99
CA ARG D 205 -0.67 -10.82 -9.79
C ARG D 205 -1.59 -11.99 -10.08
N SER D 206 -2.03 -12.15 -11.32
CA SER D 206 -2.98 -13.18 -11.71
C SER D 206 -2.30 -14.41 -12.30
N GLY D 207 -0.98 -14.51 -12.22
CA GLY D 207 -0.29 -15.69 -12.70
C GLY D 207 -0.26 -16.80 -11.66
N VAL D 208 -0.23 -18.03 -12.16
CA VAL D 208 -0.18 -19.22 -11.31
C VAL D 208 1.29 -19.53 -11.00
N GLN D 209 1.67 -19.43 -9.74
CA GLN D 209 3.03 -19.76 -9.35
C GLN D 209 3.24 -21.27 -9.38
N VAL D 210 4.35 -21.70 -9.97
CA VAL D 210 4.69 -23.11 -10.10
C VAL D 210 6.21 -23.23 -10.09
N ASP D 211 6.69 -24.45 -9.85
CA ASP D 211 8.11 -24.74 -9.97
C ASP D 211 8.48 -24.94 -11.43
N PHE D 212 9.60 -24.34 -11.83
CA PHE D 212 10.05 -24.37 -13.22
C PHE D 212 11.57 -24.41 -13.20
N PHE D 213 12.13 -25.59 -13.44
CA PHE D 213 13.58 -25.82 -13.35
C PHE D 213 14.09 -25.58 -11.93
N GLY D 214 13.28 -25.94 -10.94
CA GLY D 214 13.69 -25.88 -9.55
C GLY D 214 13.53 -24.54 -8.88
N GLU D 215 12.97 -23.55 -9.56
CA GLU D 215 12.78 -22.22 -8.99
C GLU D 215 11.38 -21.73 -9.30
N ALA D 216 10.95 -20.73 -8.54
CA ALA D 216 9.57 -20.25 -8.59
C ALA D 216 9.38 -19.33 -9.79
N THR D 217 8.35 -19.62 -10.59
CA THR D 217 7.92 -18.74 -11.66
C THR D 217 6.42 -18.56 -11.62
N ARG D 218 5.85 -17.89 -12.61
CA ARG D 218 4.41 -17.75 -12.74
C ARG D 218 4.00 -18.05 -14.17
N MET D 219 2.94 -18.83 -14.32
CA MET D 219 2.41 -19.21 -15.62
C MET D 219 0.94 -18.84 -15.69
N PRO D 220 0.40 -18.62 -16.89
CA PRO D 220 -0.99 -18.18 -17.00
C PRO D 220 -1.96 -19.26 -16.54
N ALA D 221 -3.07 -18.80 -15.95
CA ALA D 221 -4.15 -19.68 -15.54
C ALA D 221 -5.10 -20.00 -16.68
N GLY D 222 -4.98 -19.31 -17.81
CA GLY D 222 -5.89 -19.47 -18.92
C GLY D 222 -6.12 -20.91 -19.32
N PRO D 223 -5.02 -21.64 -19.60
CA PRO D 223 -5.19 -23.03 -20.05
C PRO D 223 -5.94 -23.89 -19.05
N ALA D 224 -5.59 -23.82 -17.77
CA ALA D 224 -6.24 -24.65 -16.77
C ALA D 224 -7.70 -24.23 -16.56
N LYS D 225 -7.96 -22.93 -16.50
CA LYS D 225 -9.33 -22.47 -16.26
C LYS D 225 -10.27 -22.85 -17.38
N LEU D 226 -9.77 -22.87 -18.63
CA LEU D 226 -10.64 -23.20 -19.76
C LEU D 226 -10.84 -24.71 -19.92
N ALA D 227 -9.81 -25.51 -19.59
CA ALA D 227 -9.98 -26.95 -19.66
C ALA D 227 -10.93 -27.44 -18.58
N ILE D 228 -10.91 -26.81 -17.40
CA ILE D 228 -11.84 -27.16 -16.34
C ILE D 228 -13.26 -26.74 -16.72
N GLU D 229 -13.43 -25.44 -17.00
CA GLU D 229 -14.77 -24.89 -17.21
C GLU D 229 -15.49 -25.54 -18.37
N THR D 230 -14.76 -26.01 -19.38
CA THR D 230 -15.37 -26.56 -20.58
C THR D 230 -15.18 -28.06 -20.72
N GLY D 231 -14.34 -28.68 -19.91
CA GLY D 231 -14.02 -30.09 -20.10
C GLY D 231 -13.15 -30.36 -21.30
N ALA D 232 -12.62 -29.33 -21.95
CA ALA D 232 -11.81 -29.52 -23.13
C ALA D 232 -10.53 -30.28 -22.78
N ALA D 233 -10.00 -31.01 -23.75
CA ALA D 233 -8.74 -31.71 -23.56
C ALA D 233 -7.60 -30.70 -23.58
N LEU D 234 -6.74 -30.77 -22.56
CA LEU D 234 -5.63 -29.83 -22.42
C LEU D 234 -4.36 -30.53 -22.87
N PHE D 235 -3.89 -30.19 -24.08
CA PHE D 235 -2.73 -30.82 -24.66
C PHE D 235 -1.52 -29.91 -24.51
N PRO D 236 -0.44 -30.37 -23.85
CA PRO D 236 0.83 -29.63 -23.96
C PRO D 236 1.44 -29.77 -25.35
N VAL D 237 2.02 -28.69 -25.84
CA VAL D 237 2.60 -28.64 -27.17
C VAL D 237 4.00 -28.03 -27.10
N HIS D 238 4.87 -28.47 -28.00
CA HIS D 238 6.23 -27.97 -28.08
C HIS D 238 6.62 -27.79 -29.53
N CYS D 239 7.29 -26.67 -29.83
CA CYS D 239 7.83 -26.40 -31.15
C CYS D 239 9.34 -26.17 -31.04
N TRP D 240 10.07 -26.63 -32.04
CA TRP D 240 11.51 -26.46 -32.06
C TRP D 240 11.97 -26.42 -33.52
N PHE D 241 13.27 -26.21 -33.72
CA PHE D 241 13.88 -26.15 -35.05
C PHE D 241 14.66 -27.44 -35.28
N GLU D 242 14.19 -28.22 -36.25
CA GLU D 242 14.78 -29.53 -36.58
C GLU D 242 15.68 -29.39 -37.80
N GLY D 243 16.91 -28.95 -37.57
CA GLY D 243 17.82 -28.73 -38.68
C GLY D 243 17.40 -27.50 -39.45
N ASP D 244 17.24 -27.66 -40.76
CA ASP D 244 16.68 -26.61 -41.61
C ASP D 244 15.16 -26.66 -41.63
N GLY D 245 14.54 -27.54 -40.84
CA GLY D 245 13.11 -27.68 -40.77
C GLY D 245 12.53 -27.19 -39.47
N TRP D 246 11.29 -27.61 -39.20
CA TRP D 246 10.53 -27.21 -38.03
C TRP D 246 9.95 -28.44 -37.35
N GLY D 247 10.21 -28.57 -36.05
CA GLY D 247 9.70 -29.69 -35.26
C GLY D 247 8.51 -29.28 -34.41
N MET D 248 7.50 -30.16 -34.38
CA MET D 248 6.27 -29.92 -33.64
C MET D 248 5.78 -31.24 -33.05
N ARG D 249 5.16 -31.17 -31.88
CA ARG D 249 4.72 -32.37 -31.18
C ARG D 249 3.56 -32.06 -30.25
N VAL D 250 2.60 -32.98 -30.21
CA VAL D 250 1.48 -32.95 -29.27
C VAL D 250 1.71 -34.01 -28.20
N TYR D 251 1.51 -33.65 -26.94
CA TYR D 251 1.71 -34.55 -25.81
C TYR D 251 0.37 -34.95 -25.20
N PRO D 252 0.34 -36.05 -24.44
CA PRO D 252 -0.93 -36.51 -23.86
C PRO D 252 -1.62 -35.42 -23.06
N GLU D 253 -2.95 -35.38 -23.14
CA GLU D 253 -3.71 -34.36 -22.43
C GLU D 253 -3.56 -34.54 -20.93
N LEU D 254 -3.57 -33.42 -20.22
CA LEU D 254 -3.39 -33.41 -18.78
C LEU D 254 -4.69 -33.78 -18.07
N ASP D 255 -4.55 -34.29 -16.84
CA ASP D 255 -5.69 -34.67 -16.01
C ASP D 255 -6.18 -33.43 -15.26
N THR D 256 -7.34 -32.90 -15.66
CA THR D 256 -7.96 -31.78 -14.99
C THR D 256 -9.08 -32.21 -14.04
N SER D 257 -9.09 -33.48 -13.62
CA SER D 257 -10.16 -33.97 -12.77
C SER D 257 -10.21 -33.22 -11.44
N SER D 258 -9.04 -32.94 -10.86
CA SER D 258 -8.98 -32.32 -9.55
C SER D 258 -9.58 -30.91 -9.55
N GLY D 259 -9.59 -30.24 -10.70
CA GLY D 259 -9.99 -28.86 -10.75
C GLY D 259 -9.04 -27.89 -10.07
N ASP D 260 -7.84 -28.35 -9.70
CA ASP D 260 -6.87 -27.50 -9.03
C ASP D 260 -5.97 -26.87 -10.10
N VAL D 261 -6.07 -25.53 -10.23
CA VAL D 261 -5.30 -24.84 -11.26
C VAL D 261 -3.80 -24.96 -10.99
N THR D 262 -3.41 -24.94 -9.71
CA THR D 262 -1.99 -25.06 -9.38
C THR D 262 -1.47 -26.44 -9.74
N ALA D 263 -2.20 -27.49 -9.35
CA ALA D 263 -1.77 -28.84 -9.68
C ALA D 263 -1.73 -29.04 -11.19
N ILE D 264 -2.69 -28.45 -11.91
CA ILE D 264 -2.73 -28.59 -13.37
C ILE D 264 -1.62 -27.75 -14.01
N THR D 265 -1.51 -26.49 -13.61
CA THR D 265 -0.47 -25.62 -14.16
C THR D 265 0.92 -26.12 -13.76
N GLN D 266 1.05 -26.74 -12.59
CA GLN D 266 2.33 -27.32 -12.20
C GLN D 266 2.69 -28.49 -13.12
N ALA D 267 1.70 -29.33 -13.45
CA ALA D 267 1.92 -30.41 -14.40
C ALA D 267 2.27 -29.86 -15.78
N LEU D 268 1.69 -28.71 -16.15
CA LEU D 268 2.03 -28.09 -17.43
C LEU D 268 3.48 -27.62 -17.44
N ALA D 269 3.93 -27.03 -16.33
CA ALA D 269 5.32 -26.58 -16.25
C ALA D 269 6.28 -27.76 -16.34
N ASP D 270 5.94 -28.87 -15.70
CA ASP D 270 6.81 -30.05 -15.73
C ASP D 270 7.00 -30.54 -17.15
N ARG D 271 5.94 -30.52 -17.97
CA ARG D 271 6.07 -30.95 -19.35
C ARG D 271 6.92 -29.97 -20.16
N PHE D 272 6.70 -28.67 -19.97
CA PHE D 272 7.50 -27.67 -20.67
C PHE D 272 8.97 -27.77 -20.28
N ALA D 273 9.25 -27.95 -19.00
CA ALA D 273 10.63 -28.07 -18.55
C ALA D 273 11.33 -29.27 -19.18
N ALA D 274 10.60 -30.38 -19.33
CA ALA D 274 11.19 -31.57 -19.95
C ALA D 274 11.50 -31.32 -21.42
N ASN D 275 10.62 -30.61 -22.12
CA ASN D 275 10.85 -30.35 -23.54
C ASN D 275 11.88 -29.25 -23.75
N ILE D 276 11.79 -28.17 -22.97
CA ILE D 276 12.78 -27.10 -23.07
C ILE D 276 14.18 -27.63 -22.80
N ALA D 277 14.29 -28.55 -21.84
CA ALA D 277 15.58 -29.15 -21.54
C ALA D 277 16.10 -29.96 -22.73
N THR D 278 15.21 -30.45 -23.60
CA THR D 278 15.63 -31.21 -24.75
C THR D 278 16.09 -30.30 -25.89
N TYR D 279 15.39 -29.19 -26.10
CA TYR D 279 15.74 -28.22 -27.13
C TYR D 279 15.96 -26.86 -26.46
N PRO D 280 17.00 -26.74 -25.63
CA PRO D 280 17.18 -25.49 -24.87
C PRO D 280 17.47 -24.28 -25.75
N ALA D 281 18.12 -24.47 -26.90
CA ALA D 281 18.48 -23.33 -27.74
C ALA D 281 17.27 -22.73 -28.45
N ASP D 282 16.20 -23.50 -28.61
CA ASP D 282 15.02 -23.03 -29.34
C ASP D 282 14.01 -22.32 -28.45
N TRP D 283 14.35 -22.05 -27.20
CA TRP D 283 13.45 -21.41 -26.25
C TRP D 283 13.84 -19.93 -26.14
N HIS D 284 13.05 -19.06 -26.76
CA HIS D 284 13.36 -17.63 -26.83
C HIS D 284 12.78 -16.90 -25.62
N MET D 285 13.41 -17.14 -24.47
CA MET D 285 13.06 -16.43 -23.24
C MET D 285 14.25 -15.55 -22.88
N LEU D 286 14.30 -14.37 -23.51
CA LEU D 286 15.32 -13.37 -23.19
C LEU D 286 14.84 -12.37 -22.15
N GLN D 287 13.56 -12.37 -21.83
CA GLN D 287 12.99 -11.54 -20.77
C GLN D 287 13.02 -12.31 -19.45
N PRO D 288 12.91 -11.61 -18.32
CA PRO D 288 12.84 -12.31 -17.03
C PRO D 288 11.69 -13.31 -16.99
N GLN D 289 12.02 -14.53 -16.58
CA GLN D 289 11.05 -15.62 -16.46
C GLN D 289 10.69 -15.93 -15.02
N TRP D 290 11.68 -16.03 -14.14
CA TRP D 290 11.43 -16.40 -12.76
C TRP D 290 11.22 -15.15 -11.92
N ILE D 291 10.33 -15.25 -10.92
CA ILE D 291 9.99 -14.10 -10.09
C ILE D 291 11.23 -13.54 -9.41
N ALA D 292 12.14 -14.42 -8.98
CA ALA D 292 13.27 -13.98 -8.17
C ALA D 292 14.11 -12.93 -8.90
N ASP D 293 14.12 -12.95 -10.23
CA ASP D 293 14.86 -11.96 -11.00
C ASP D 293 14.17 -10.61 -11.07
N LEU D 294 13.07 -10.44 -10.36
CA LEU D 294 12.32 -9.19 -10.36
C LEU D 294 12.61 -8.37 -9.10
#